data_7Q0H
#
_entry.id   7Q0H
#
_cell.length_a   102.207
_cell.length_b   42.472
_cell.length_c   138.406
_cell.angle_alpha   90.000
_cell.angle_beta   99.935
_cell.angle_gamma   90.000
#
_symmetry.space_group_name_H-M   'P 1 21 1'
#
loop_
_entity.id
_entity.type
_entity.pdbx_description
1 polymer 'Beta-54 Fab heavy chain'
2 polymer 'Beta-54 Fab light chain'
3 polymer 'Beta-50 Fab light chain'
4 polymer 'Beta-50 Fab heavy chain'
5 polymer 'Spike protein S1'
6 branched alpha-D-mannopyranose-(1-6)-beta-D-mannopyranose-(1-4)-2-acetamido-2-deoxy-beta-D-glucopyranose-(1-4)-[alpha-L-fucopyranose-(1-6)]2-acetamido-2-deoxy-beta-D-glucopyranose
#
loop_
_entity_poly.entity_id
_entity_poly.type
_entity_poly.pdbx_seq_one_letter_code
_entity_poly.pdbx_strand_id
1 'polypeptide(L)'
;QVQLQESGPGLVKPSETLSLTCTVFGGSITSSNHYWVWIRQPPGKGLEWIGSMYYSGSTAYNPSLTNRVTISVDTSKNQF
SLKLSSVTAADTAVYYCARQIGPKRPSQVADWFDPWGQGTLVTVSSASTKGPSVFPLAPSSKSTSGGTAALGCLVKDYFP
EPVTVSWNSGALTSGVHTFPAVLQSSGLYSLSSVVTVPSSSLGTQTYICNVNHKPSNTKVDKKVEPKSCDK
;
H
2 'polypeptide(L)'
;DIQLTQSPSFLSASVGDRVTITCRASQGISSYLAWYQQKPGKAPKLLIYAASTLQSGVPSRFSGSGSGTEFTLTISSLQP
EDFATYYCQQLNSYPLTFGGGTKVEIKRTVAAPSVFIFPPSDEQLKSGTASVVCLLNNFYPREAKVQWKVDNALQSGNSQ
ESVTEQDSKDSTYSLSSTLTLSKADYEKHKVYACEVTHQGLSSPVTKSFNRGEC
;
L
3 'polypeptide(L)'
;DIVMTQSPGTLSLSPGERATLSCRASQSFTSSYLAWYQQKPGQAPRLLIYGASSRATGIPDRFSGTGSGTDFTLTISRLE
PEDFAVYYCQQYGTSPRMYTFGQGTKVDIKRTVAAPSVFIFPPSDEQLKSGTASVVCLLNNFYPREAKVQWKVDNALQSG
NSQESVTEQDSKDSTYSLSSTLTLSKADYEKHKVYACEVTHQGLSSPVTKSFNRGEC
;
B
4 'polypeptide(L)'
;EVQLVQSGAEVKKPGSSVKVSCKASRGTFNTYVFTWVRQAPGQGLEWMGGIIPFFGTADYAQKFQGRVTITADDSTSTAY
MELSSLRSEDTAVYYCSRLSQWDLLPMWGQGTLVTVSSASTKGPSVFPLAPSSKSTSGGTAALGCLVKDYFPEPVTVSWN
SGALTSGVHTFPAVLQSSGLYSLSSVVTVPSSSLGTQTYICNVNHKPSNTKVDKKVEPKSCDK
;
A
5 'polypeptide(L)'
;MGCVAETGHHHHHHTNLCPFGEVFNATRFASVYAWNRKRISNCVADYSVLYNSASFSTFKCYGVSPTKLNDLCFTNVYAD
SFVIRGDEVRQIAPGQTGNIADYNYKLPDDFTGCVIAWNSNNLDSKVGGNYNYLYRLFRKSNLKPFERDISTEIYQAGST
PCNGVKGFNCYFPLQSYGFQPTYGVGYQPYRVVVLSFELLHAPATVCGKK
;
E
#
loop_
_chem_comp.id
_chem_comp.type
_chem_comp.name
_chem_comp.formula
BMA D-saccharide, beta linking beta-D-mannopyranose 'C6 H12 O6'
FUC L-saccharide, alpha linking alpha-L-fucopyranose 'C6 H12 O5'
MAN D-saccharide, alpha linking alpha-D-mannopyranose 'C6 H12 O6'
NAG D-saccharide, beta linking 2-acetamido-2-deoxy-beta-D-glucopyranose 'C8 H15 N O6'
#
# COMPACT_ATOMS: atom_id res chain seq x y z
N GLN A 1 6.18 1.53 -28.66
CA GLN A 1 4.79 1.72 -28.29
C GLN A 1 4.55 1.24 -26.86
N VAL A 2 4.24 2.19 -25.97
CA VAL A 2 3.99 1.86 -24.57
C VAL A 2 2.64 1.17 -24.44
N GLN A 3 2.61 0.09 -23.66
CA GLN A 3 1.39 -0.66 -23.40
C GLN A 3 1.19 -0.81 -21.90
N LEU A 4 -0.08 -0.91 -21.51
CA LEU A 4 -0.47 -1.12 -20.12
C LEU A 4 -1.38 -2.33 -20.01
N GLN A 5 -0.99 -3.29 -19.18
CA GLN A 5 -1.73 -4.54 -18.99
C GLN A 5 -2.09 -4.65 -17.51
N GLU A 6 -3.34 -4.34 -17.17
CA GLU A 6 -3.77 -4.39 -15.79
C GLU A 6 -4.31 -5.77 -15.43
N SER A 7 -4.32 -6.05 -14.13
CA SER A 7 -4.76 -7.34 -13.62
C SER A 7 -5.28 -7.15 -12.20
N GLY A 8 -6.01 -8.16 -11.72
CA GLY A 8 -6.55 -8.13 -10.38
C GLY A 8 -7.92 -8.77 -10.28
N PRO A 9 -8.39 -9.00 -9.06
CA PRO A 9 -9.69 -9.66 -8.88
C PRO A 9 -10.83 -8.76 -9.29
N GLY A 10 -11.82 -9.35 -9.97
CA GLY A 10 -13.01 -8.63 -10.36
C GLY A 10 -14.13 -8.66 -9.35
N LEU A 11 -13.90 -9.23 -8.17
CA LEU A 11 -14.92 -9.34 -7.13
C LEU A 11 -14.30 -9.00 -5.78
N VAL A 12 -14.91 -8.05 -5.08
CA VAL A 12 -14.47 -7.65 -3.75
C VAL A 12 -15.69 -7.52 -2.85
N LYS A 13 -15.66 -8.19 -1.70
CA LYS A 13 -16.78 -8.11 -0.78
C LYS A 13 -16.85 -6.71 -0.16
N PRO A 14 -18.04 -6.31 0.30
CA PRO A 14 -18.17 -4.98 0.93
C PRO A 14 -17.29 -4.86 2.16
N SER A 15 -16.82 -3.63 2.40
CA SER A 15 -15.90 -3.23 3.46
C SER A 15 -14.51 -3.82 3.31
N GLU A 16 -14.27 -4.66 2.30
CA GLU A 16 -12.94 -5.20 2.06
C GLU A 16 -12.09 -4.17 1.33
N THR A 17 -11.01 -4.61 0.69
CA THR A 17 -10.06 -3.70 0.05
C THR A 17 -9.87 -4.10 -1.41
N LEU A 18 -10.21 -3.18 -2.31
CA LEU A 18 -9.95 -3.39 -3.73
C LEU A 18 -8.45 -3.29 -4.00
N SER A 19 -7.95 -4.10 -4.93
CA SER A 19 -6.54 -4.10 -5.24
C SER A 19 -6.35 -4.49 -6.71
N LEU A 20 -5.69 -3.61 -7.46
CA LEU A 20 -5.40 -3.84 -8.87
C LEU A 20 -3.94 -3.47 -9.15
N THR A 21 -3.40 -4.05 -10.22
CA THR A 21 -2.02 -3.84 -10.60
C THR A 21 -1.93 -3.62 -12.10
N CYS A 22 -1.08 -2.68 -12.51
CA CYS A 22 -0.88 -2.30 -13.91
C CYS A 22 0.59 -2.51 -14.26
N THR A 23 0.84 -3.23 -15.34
CA THR A 23 2.19 -3.55 -15.80
C THR A 23 2.49 -2.80 -17.08
N VAL A 24 3.59 -2.06 -17.09
CA VAL A 24 3.98 -1.23 -18.23
C VAL A 24 4.84 -2.06 -19.17
N PHE A 25 4.55 -1.96 -20.46
CA PHE A 25 5.31 -2.67 -21.49
C PHE A 25 5.78 -1.68 -22.55
N GLY A 26 6.91 -2.01 -23.18
CA GLY A 26 7.47 -1.16 -24.21
C GLY A 26 7.98 0.16 -23.68
N GLY A 27 8.41 0.20 -22.42
CA GLY A 27 8.88 1.44 -21.83
C GLY A 27 9.05 1.32 -20.33
N SER A 28 9.96 2.11 -19.76
CA SER A 28 10.23 2.05 -18.33
C SER A 28 9.23 2.87 -17.54
N ILE A 29 9.00 2.45 -16.30
CA ILE A 29 8.07 3.18 -15.43
C ILE A 29 8.74 4.37 -14.75
N THR A 30 10.08 4.43 -14.76
CA THR A 30 10.79 5.57 -14.19
C THR A 30 10.84 6.71 -15.19
N SER A 31 9.70 7.09 -15.73
CA SER A 31 9.62 8.17 -16.71
C SER A 31 9.68 9.52 -16.02
N SER A 32 10.58 10.38 -16.48
CA SER A 32 10.75 11.71 -15.89
C SER A 32 9.77 12.73 -16.45
N ASN A 33 8.83 12.31 -17.32
CA ASN A 33 7.88 13.24 -17.89
C ASN A 33 6.48 12.64 -18.02
N HIS A 34 6.15 11.64 -17.20
CA HIS A 34 4.82 11.03 -17.24
C HIS A 34 4.38 10.69 -15.82
N TYR A 35 3.06 10.71 -15.62
CA TYR A 35 2.43 10.22 -14.40
C TYR A 35 1.73 8.90 -14.71
N TRP A 36 1.47 8.13 -13.65
CA TRP A 36 0.78 6.85 -13.76
C TRP A 36 -0.50 6.94 -12.94
N VAL A 37 -1.64 6.79 -13.62
CA VAL A 37 -2.92 7.20 -13.07
C VAL A 37 -3.88 6.01 -13.06
N TRP A 38 -5.00 6.21 -12.36
CA TRP A 38 -6.13 5.29 -12.35
C TRP A 38 -7.42 6.08 -12.58
N ILE A 39 -8.29 5.53 -13.41
CA ILE A 39 -9.57 6.16 -13.74
C ILE A 39 -10.64 5.08 -13.74
N ARG A 40 -11.78 5.36 -13.12
CA ARG A 40 -12.88 4.40 -13.03
C ARG A 40 -14.12 4.95 -13.70
N GLN A 41 -14.96 4.04 -14.18
CA GLN A 41 -16.18 4.38 -14.89
C GLN A 41 -17.32 3.47 -14.41
N PRO A 42 -18.25 4.00 -13.61
CA PRO A 42 -19.37 3.17 -13.16
C PRO A 42 -20.20 2.72 -14.35
N PRO A 43 -20.83 1.54 -14.25
CA PRO A 43 -21.61 1.03 -15.39
C PRO A 43 -22.74 1.99 -15.76
N GLY A 44 -22.70 2.47 -17.00
CA GLY A 44 -23.67 3.43 -17.48
C GLY A 44 -23.44 4.86 -17.05
N LYS A 45 -22.28 5.17 -16.49
CA LYS A 45 -21.96 6.49 -15.99
C LYS A 45 -20.72 7.03 -16.70
N GLY A 46 -20.30 8.22 -16.29
CA GLY A 46 -19.14 8.86 -16.88
C GLY A 46 -17.84 8.40 -16.24
N LEU A 47 -16.78 9.15 -16.53
CA LEU A 47 -15.44 8.84 -16.06
C LEU A 47 -15.12 9.66 -14.81
N GLU A 48 -14.38 9.05 -13.89
CA GLU A 48 -13.95 9.72 -12.66
C GLU A 48 -12.47 9.48 -12.45
N TRP A 49 -11.70 10.56 -12.33
CA TRP A 49 -10.26 10.45 -12.08
C TRP A 49 -10.02 10.07 -10.62
N ILE A 50 -9.14 9.09 -10.41
CA ILE A 50 -8.92 8.57 -9.07
C ILE A 50 -7.65 9.19 -8.50
N GLY A 51 -6.55 9.04 -9.21
CA GLY A 51 -5.29 9.59 -8.73
C GLY A 51 -4.21 9.48 -9.78
N SER A 52 -3.11 10.19 -9.51
CA SER A 52 -1.92 10.20 -10.36
C SER A 52 -0.68 10.04 -9.49
N MET A 53 0.38 9.49 -10.08
CA MET A 53 1.59 9.19 -9.32
C MET A 53 2.83 9.30 -10.20
N TYR A 54 3.88 9.87 -9.62
CA TYR A 54 5.22 9.89 -10.19
C TYR A 54 6.03 8.73 -9.63
N TYR A 55 6.98 8.23 -10.41
CA TYR A 55 7.69 7.01 -10.02
C TYR A 55 8.43 7.18 -8.71
N SER A 56 8.81 8.41 -8.36
CA SER A 56 9.62 8.63 -7.16
C SER A 56 8.78 8.67 -5.88
N GLY A 57 7.46 8.65 -5.97
CA GLY A 57 6.65 8.50 -4.78
C GLY A 57 5.45 9.42 -4.65
N SER A 58 5.55 10.64 -5.17
CA SER A 58 4.50 11.63 -4.94
C SER A 58 3.18 11.19 -5.54
N THR A 59 2.08 11.65 -4.92
CA THR A 59 0.73 11.28 -5.33
C THR A 59 -0.18 12.50 -5.27
N ALA A 60 -1.26 12.42 -6.05
CA ALA A 60 -2.37 13.36 -5.94
C ALA A 60 -3.67 12.58 -6.13
N TYR A 61 -4.51 12.57 -5.11
CA TYR A 61 -5.74 11.80 -5.12
C TYR A 61 -6.94 12.73 -5.26
N ASN A 62 -8.02 12.18 -5.79
CA ASN A 62 -9.27 12.92 -5.91
C ASN A 62 -9.84 13.15 -4.52
N PRO A 63 -10.12 14.39 -4.12
CA PRO A 63 -10.71 14.61 -2.79
C PRO A 63 -12.08 13.99 -2.63
N SER A 64 -12.74 13.61 -3.72
CA SER A 64 -14.04 12.93 -3.63
C SER A 64 -13.92 11.50 -3.14
N LEU A 65 -12.70 10.95 -3.09
CA LEU A 65 -12.47 9.59 -2.63
C LEU A 65 -11.86 9.55 -1.23
N THR A 66 -11.99 10.63 -0.46
CA THR A 66 -11.49 10.75 0.91
C THR A 66 -10.07 10.20 1.04
N ASN A 67 -9.79 9.51 2.16
CA ASN A 67 -8.47 8.96 2.45
C ASN A 67 -8.45 7.44 2.34
N ARG A 68 -9.22 6.88 1.41
CA ARG A 68 -9.27 5.44 1.20
C ARG A 68 -8.62 5.04 -0.12
N VAL A 69 -7.79 5.91 -0.71
CA VAL A 69 -7.11 5.63 -1.96
C VAL A 69 -5.60 5.69 -1.71
N THR A 70 -4.88 4.68 -2.21
CA THR A 70 -3.44 4.68 -2.16
C THR A 70 -2.91 4.04 -3.44
N ILE A 71 -2.07 4.77 -4.15
CA ILE A 71 -1.36 4.27 -5.32
C ILE A 71 0.08 4.00 -4.91
N SER A 72 0.66 2.95 -5.49
CA SER A 72 2.04 2.58 -5.18
C SER A 72 2.73 2.16 -6.47
N VAL A 73 4.05 2.27 -6.48
CA VAL A 73 4.86 1.95 -7.65
C VAL A 73 5.91 0.92 -7.26
N ASP A 74 6.14 -0.04 -8.15
CA ASP A 74 7.20 -1.05 -8.00
C ASP A 74 8.13 -0.87 -9.20
N THR A 75 9.18 -0.06 -9.01
CA THR A 75 10.10 0.22 -10.11
C THR A 75 10.85 -1.04 -10.55
N SER A 76 11.13 -1.95 -9.62
CA SER A 76 11.85 -3.18 -9.94
C SER A 76 11.02 -4.17 -10.75
N LYS A 77 9.70 -3.96 -10.86
CA LYS A 77 8.82 -4.85 -11.61
C LYS A 77 8.04 -4.12 -12.70
N ASN A 78 8.32 -2.84 -12.91
CA ASN A 78 7.63 -2.03 -13.92
C ASN A 78 6.12 -2.05 -13.70
N GLN A 79 5.70 -1.91 -12.43
CA GLN A 79 4.31 -1.99 -12.06
C GLN A 79 3.94 -0.81 -11.17
N PHE A 80 2.66 -0.45 -11.22
CA PHE A 80 2.06 0.45 -10.24
C PHE A 80 0.67 -0.05 -9.92
N SER A 81 0.28 0.08 -8.65
CA SER A 81 -0.93 -0.57 -8.14
C SER A 81 -1.88 0.46 -7.56
N LEU A 82 -3.12 0.01 -7.33
CA LEU A 82 -4.17 0.81 -6.73
C LEU A 82 -4.82 0.03 -5.60
N LYS A 83 -5.12 0.73 -4.50
CA LYS A 83 -5.78 0.13 -3.36
C LYS A 83 -6.88 1.04 -2.85
N LEU A 84 -8.09 0.49 -2.74
CA LEU A 84 -9.28 1.22 -2.28
C LEU A 84 -9.97 0.39 -1.21
N SER A 85 -10.00 0.90 0.02
CA SER A 85 -10.56 0.20 1.16
C SER A 85 -12.01 0.58 1.39
N SER A 86 -12.64 -0.15 2.31
CA SER A 86 -14.02 0.11 2.75
C SER A 86 -14.95 0.31 1.55
N VAL A 87 -14.81 -0.58 0.56
CA VAL A 87 -15.55 -0.44 -0.67
C VAL A 87 -17.03 -0.68 -0.42
N THR A 88 -17.87 0.05 -1.13
CA THR A 88 -19.31 -0.13 -1.14
C THR A 88 -19.77 -0.40 -2.57
N ALA A 89 -21.07 -0.62 -2.73
CA ALA A 89 -21.62 -0.85 -4.06
C ALA A 89 -21.40 0.34 -4.98
N ALA A 90 -21.23 1.54 -4.42
CA ALA A 90 -20.92 2.72 -5.21
C ALA A 90 -19.52 2.67 -5.82
N ASP A 91 -18.72 1.67 -5.46
CA ASP A 91 -17.38 1.51 -6.02
C ASP A 91 -17.33 0.48 -7.14
N THR A 92 -18.46 -0.16 -7.45
CA THR A 92 -18.51 -1.09 -8.57
C THR A 92 -18.36 -0.31 -9.88
N ALA A 93 -17.26 -0.54 -10.58
CA ALA A 93 -16.97 0.19 -11.80
C ALA A 93 -15.88 -0.53 -12.57
N VAL A 94 -15.72 -0.15 -13.83
CA VAL A 94 -14.59 -0.60 -14.63
C VAL A 94 -13.42 0.35 -14.36
N TYR A 95 -12.34 -0.20 -13.82
CA TYR A 95 -11.17 0.59 -13.45
C TYR A 95 -10.12 0.50 -14.55
N TYR A 96 -9.63 1.66 -14.98
CA TYR A 96 -8.58 1.75 -15.98
C TYR A 96 -7.30 2.28 -15.34
N CYS A 97 -6.16 1.76 -15.77
CA CYS A 97 -4.89 2.42 -15.54
C CYS A 97 -4.45 3.10 -16.84
N ALA A 98 -3.79 4.24 -16.71
CA ALA A 98 -3.43 5.05 -17.87
C ALA A 98 -2.15 5.82 -17.57
N ARG A 99 -1.53 6.34 -18.62
CA ARG A 99 -0.34 7.16 -18.53
C ARG A 99 -0.73 8.61 -18.80
N GLN A 100 -0.45 9.49 -17.84
CA GLN A 100 -0.71 10.91 -17.97
C GLN A 100 0.60 11.63 -18.28
N ILE A 101 0.57 12.51 -19.27
CA ILE A 101 1.75 13.29 -19.62
C ILE A 101 1.82 14.51 -18.72
N GLY A 102 2.99 14.73 -18.13
CA GLY A 102 3.19 15.87 -17.26
C GLY A 102 3.79 17.04 -18.00
N PRO A 103 3.54 18.24 -17.50
CA PRO A 103 4.13 19.43 -18.14
C PRO A 103 5.61 19.57 -17.78
N LYS A 104 6.40 20.03 -18.76
CA LYS A 104 7.81 20.30 -18.53
C LYS A 104 8.08 21.72 -18.09
N ARG A 105 7.14 22.64 -18.29
CA ARG A 105 7.29 24.05 -17.98
C ARG A 105 6.07 24.53 -17.20
N PRO A 106 6.22 25.60 -16.43
CA PRO A 106 5.05 26.16 -15.73
C PRO A 106 4.01 26.65 -16.73
N SER A 107 2.75 26.31 -16.45
CA SER A 107 1.62 26.69 -17.30
C SER A 107 1.77 26.12 -18.71
N GLN A 108 2.20 24.87 -18.81
CA GLN A 108 2.28 24.16 -20.08
C GLN A 108 1.11 23.20 -20.20
N VAL A 109 0.57 23.10 -21.42
CA VAL A 109 -0.60 22.27 -21.68
C VAL A 109 -0.18 20.80 -21.62
N ALA A 110 -0.69 20.08 -20.60
CA ALA A 110 -0.40 18.65 -20.46
C ALA A 110 -1.57 17.91 -19.82
N ASP A 111 -1.28 16.89 -19.01
CA ASP A 111 -2.27 16.25 -18.14
C ASP A 111 -3.39 15.56 -18.93
N TRP A 112 -3.09 15.06 -20.12
CA TRP A 112 -4.02 14.17 -20.81
C TRP A 112 -3.50 12.73 -20.73
N PHE A 113 -4.39 11.80 -21.01
CA PHE A 113 -4.13 10.38 -20.78
C PHE A 113 -3.95 9.65 -22.11
N ASP A 114 -2.81 8.95 -22.23
CA ASP A 114 -2.44 8.18 -23.41
C ASP A 114 -1.16 7.40 -23.10
N PRO A 115 -1.19 6.06 -23.15
CA PRO A 115 -2.34 5.20 -23.47
C PRO A 115 -3.12 4.74 -22.24
N TRP A 116 -4.08 3.85 -22.46
CA TRP A 116 -4.95 3.32 -21.42
C TRP A 116 -4.80 1.81 -21.33
N GLY A 117 -5.09 1.28 -20.14
CA GLY A 117 -5.28 -0.16 -20.00
C GLY A 117 -6.60 -0.59 -20.61
N GLN A 118 -6.78 -1.91 -20.71
CA GLN A 118 -7.99 -2.44 -21.33
C GLN A 118 -9.22 -2.30 -20.45
N GLY A 119 -9.04 -2.15 -19.13
CA GLY A 119 -10.17 -2.03 -18.23
C GLY A 119 -10.52 -3.33 -17.53
N THR A 120 -10.66 -3.27 -16.21
CA THR A 120 -11.01 -4.43 -15.40
C THR A 120 -12.26 -4.09 -14.60
N LEU A 121 -13.31 -4.89 -14.75
CA LEU A 121 -14.52 -4.69 -13.99
C LEU A 121 -14.38 -5.30 -12.60
N VAL A 122 -14.61 -4.48 -11.58
CA VAL A 122 -14.58 -4.93 -10.19
C VAL A 122 -15.98 -4.76 -9.61
N THR A 123 -16.58 -5.85 -9.16
CA THR A 123 -17.92 -5.85 -8.61
C THR A 123 -17.82 -5.95 -7.09
N VAL A 124 -18.39 -4.97 -6.39
CA VAL A 124 -18.45 -4.99 -4.94
C VAL A 124 -19.71 -5.75 -4.53
N SER A 125 -19.54 -6.96 -4.04
CA SER A 125 -20.67 -7.81 -3.66
C SER A 125 -20.18 -8.91 -2.73
N SER A 126 -20.97 -9.18 -1.70
CA SER A 126 -20.70 -10.31 -0.81
C SER A 126 -21.15 -11.64 -1.41
N ALA A 127 -21.85 -11.61 -2.54
CA ALA A 127 -22.30 -12.85 -3.17
C ALA A 127 -21.11 -13.69 -3.61
N SER A 128 -21.28 -15.01 -3.50
CA SER A 128 -20.19 -15.92 -3.84
C SER A 128 -20.00 -15.98 -5.35
N THR A 129 -18.81 -16.40 -5.74
CA THR A 129 -18.48 -16.54 -7.16
C THR A 129 -19.04 -17.84 -7.69
N LYS A 130 -19.63 -17.78 -8.89
CA LYS A 130 -20.12 -18.97 -9.57
C LYS A 130 -19.68 -18.94 -11.02
N GLY A 131 -19.14 -20.06 -11.50
CA GLY A 131 -18.78 -20.20 -12.89
C GLY A 131 -19.98 -20.57 -13.73
N PRO A 132 -19.93 -20.25 -15.03
CA PRO A 132 -21.09 -20.44 -15.89
C PRO A 132 -21.22 -21.87 -16.39
N SER A 133 -22.40 -22.18 -16.91
CA SER A 133 -22.66 -23.38 -17.67
C SER A 133 -22.86 -22.99 -19.13
N VAL A 134 -22.21 -23.71 -20.04
CA VAL A 134 -22.21 -23.37 -21.46
C VAL A 134 -23.05 -24.40 -22.20
N PHE A 135 -24.18 -23.95 -22.76
CA PHE A 135 -25.07 -24.78 -23.56
C PHE A 135 -25.06 -24.32 -25.01
N PRO A 136 -25.09 -25.25 -25.96
CA PRO A 136 -25.05 -24.86 -27.37
C PRO A 136 -26.39 -24.36 -27.88
N LEU A 137 -26.33 -23.41 -28.79
CA LEU A 137 -27.48 -22.93 -29.54
C LEU A 137 -27.31 -23.42 -30.97
N ALA A 138 -27.82 -24.62 -31.24
CA ALA A 138 -27.56 -25.30 -32.50
C ALA A 138 -28.31 -24.63 -33.65
N PRO A 139 -27.74 -24.66 -34.86
CA PRO A 139 -28.46 -24.15 -36.02
C PRO A 139 -29.66 -25.03 -36.34
N SER A 140 -30.73 -24.39 -36.79
CA SER A 140 -31.96 -25.11 -37.06
C SER A 140 -31.76 -26.12 -38.20
N SER A 141 -32.43 -27.26 -38.09
CA SER A 141 -32.30 -28.29 -39.12
C SER A 141 -32.90 -27.82 -40.43
N LYS A 142 -33.97 -27.02 -40.37
CA LYS A 142 -34.59 -26.48 -41.57
C LYS A 142 -33.61 -25.59 -42.31
N SER A 143 -33.32 -24.41 -41.73
CA SER A 143 -32.39 -23.45 -42.31
C SER A 143 -32.75 -23.16 -43.75
N THR A 144 -31.75 -23.05 -44.63
CA THR A 144 -31.95 -22.79 -46.05
C THR A 144 -31.08 -23.75 -46.86
N SER A 145 -31.24 -23.72 -48.18
CA SER A 145 -30.46 -24.57 -49.05
C SER A 145 -29.01 -24.10 -49.13
N GLY A 146 -28.81 -22.83 -49.49
CA GLY A 146 -27.47 -22.28 -49.57
C GLY A 146 -27.39 -20.84 -49.09
N GLY A 147 -28.19 -20.50 -48.08
CA GLY A 147 -28.19 -19.16 -47.54
C GLY A 147 -27.29 -19.00 -46.33
N THR A 148 -27.84 -18.46 -45.24
CA THR A 148 -27.09 -18.23 -44.01
C THR A 148 -27.89 -18.75 -42.83
N ALA A 149 -27.20 -19.46 -41.94
CA ALA A 149 -27.78 -19.99 -40.71
C ALA A 149 -27.13 -19.32 -39.50
N ALA A 150 -27.75 -19.50 -38.34
CA ALA A 150 -27.29 -18.88 -37.11
C ALA A 150 -27.07 -19.95 -36.04
N LEU A 151 -25.99 -19.78 -35.28
CA LEU A 151 -25.68 -20.67 -34.17
C LEU A 151 -24.99 -19.85 -33.08
N GLY A 152 -24.95 -20.41 -31.88
CA GLY A 152 -24.34 -19.68 -30.79
C GLY A 152 -24.18 -20.54 -29.55
N CYS A 153 -23.83 -19.88 -28.45
CA CYS A 153 -23.65 -20.52 -27.16
C CYS A 153 -24.40 -19.74 -26.10
N LEU A 154 -24.97 -20.46 -25.14
CA LEU A 154 -25.70 -19.87 -24.02
C LEU A 154 -24.83 -19.95 -22.78
N VAL A 155 -24.41 -18.79 -22.27
CA VAL A 155 -23.60 -18.69 -21.06
C VAL A 155 -24.52 -18.27 -19.93
N LYS A 156 -24.87 -19.21 -19.05
CA LYS A 156 -25.94 -19.02 -18.09
C LYS A 156 -25.45 -19.24 -16.66
N ASP A 157 -25.99 -18.43 -15.73
CA ASP A 157 -25.82 -18.62 -14.29
C ASP A 157 -24.35 -18.51 -13.88
N TYR A 158 -23.86 -17.26 -13.88
CA TYR A 158 -22.51 -16.96 -13.43
C TYR A 158 -22.52 -15.63 -12.69
N PHE A 159 -21.51 -15.43 -11.86
CA PHE A 159 -21.38 -14.22 -11.07
C PHE A 159 -19.97 -14.17 -10.52
N PRO A 160 -19.30 -13.01 -10.54
CA PRO A 160 -19.84 -11.78 -11.10
C PRO A 160 -19.46 -11.60 -12.57
N GLU A 161 -19.69 -10.40 -13.09
CA GLU A 161 -19.22 -10.07 -14.42
C GLU A 161 -17.71 -9.87 -14.40
N PRO A 162 -17.04 -10.03 -15.55
CA PRO A 162 -17.58 -10.44 -16.85
C PRO A 162 -17.14 -11.82 -17.29
N VAL A 163 -17.68 -12.28 -18.41
CA VAL A 163 -17.14 -13.41 -19.15
C VAL A 163 -16.71 -12.90 -20.52
N THR A 164 -15.76 -13.60 -21.12
CA THR A 164 -15.29 -13.31 -22.45
C THR A 164 -15.56 -14.50 -23.36
N VAL A 165 -16.09 -14.23 -24.54
CA VAL A 165 -16.44 -15.28 -25.50
C VAL A 165 -15.75 -14.99 -26.82
N SER A 166 -15.03 -15.98 -27.33
CA SER A 166 -14.46 -15.96 -28.67
C SER A 166 -14.88 -17.22 -29.40
N TRP A 167 -14.71 -17.23 -30.72
CA TRP A 167 -15.09 -18.36 -31.55
C TRP A 167 -13.89 -18.86 -32.32
N ASN A 168 -13.66 -20.18 -32.25
CA ASN A 168 -12.56 -20.84 -32.95
C ASN A 168 -11.21 -20.22 -32.59
N SER A 169 -11.01 -20.01 -31.29
CA SER A 169 -9.76 -19.46 -30.75
C SER A 169 -9.43 -18.10 -31.36
N GLY A 170 -10.45 -17.32 -31.70
CA GLY A 170 -10.26 -16.01 -32.29
C GLY A 170 -10.23 -15.99 -33.80
N ALA A 171 -10.32 -17.15 -34.47
CA ALA A 171 -10.31 -17.20 -35.92
C ALA A 171 -11.68 -16.94 -36.53
N LEU A 172 -12.71 -16.73 -35.71
CA LEU A 172 -14.05 -16.42 -36.19
C LEU A 172 -14.54 -15.17 -35.47
N THR A 173 -14.52 -14.04 -36.19
CA THR A 173 -15.04 -12.78 -35.67
C THR A 173 -16.08 -12.12 -36.56
N SER A 174 -16.11 -12.44 -37.86
CA SER A 174 -17.07 -11.83 -38.77
C SER A 174 -18.47 -12.38 -38.50
N GLY A 175 -19.42 -11.50 -38.22
CA GLY A 175 -20.79 -11.90 -37.97
C GLY A 175 -21.09 -12.31 -36.55
N VAL A 176 -20.15 -12.15 -35.62
CA VAL A 176 -20.33 -12.57 -34.23
C VAL A 176 -21.00 -11.44 -33.46
N HIS A 177 -21.96 -11.82 -32.61
CA HIS A 177 -22.62 -10.89 -31.70
C HIS A 177 -22.66 -11.52 -30.31
N THR A 178 -21.87 -10.96 -29.40
CA THR A 178 -21.90 -11.36 -27.99
C THR A 178 -22.74 -10.33 -27.23
N PHE A 179 -23.91 -10.74 -26.78
CA PHE A 179 -24.85 -9.81 -26.18
C PHE A 179 -24.43 -9.45 -24.75
N PRO A 180 -24.73 -8.23 -24.33
CA PRO A 180 -24.50 -7.86 -22.92
C PRO A 180 -25.31 -8.75 -22.00
N ALA A 181 -24.69 -9.12 -20.88
CA ALA A 181 -25.33 -10.01 -19.92
C ALA A 181 -26.52 -9.33 -19.28
N VAL A 182 -27.54 -10.14 -18.97
CA VAL A 182 -28.70 -9.69 -18.22
C VAL A 182 -28.67 -10.34 -16.84
N LEU A 183 -29.10 -9.58 -15.83
CA LEU A 183 -29.10 -10.07 -14.46
C LEU A 183 -30.44 -10.74 -14.19
N GLN A 184 -30.42 -12.07 -14.10
CA GLN A 184 -31.63 -12.84 -13.87
C GLN A 184 -32.17 -12.58 -12.46
N SER A 185 -33.42 -12.98 -12.24
CA SER A 185 -34.04 -12.82 -10.92
C SER A 185 -33.32 -13.62 -9.85
N SER A 186 -32.55 -14.65 -10.23
CA SER A 186 -31.78 -15.45 -9.29
C SER A 186 -30.52 -14.75 -8.80
N GLY A 187 -30.25 -13.53 -9.27
CA GLY A 187 -29.05 -12.82 -8.90
C GLY A 187 -27.82 -13.16 -9.72
N LEU A 188 -27.91 -14.15 -10.61
CA LEU A 188 -26.80 -14.55 -11.46
C LEU A 188 -26.97 -13.97 -12.85
N TYR A 189 -25.85 -13.72 -13.51
CA TYR A 189 -25.87 -13.17 -14.87
C TYR A 189 -26.06 -14.27 -15.90
N SER A 190 -26.40 -13.86 -17.12
CA SER A 190 -26.58 -14.78 -18.24
C SER A 190 -26.49 -13.99 -19.53
N LEU A 191 -25.84 -14.58 -20.53
CA LEU A 191 -25.75 -13.96 -21.85
C LEU A 191 -25.68 -15.05 -22.91
N SER A 192 -25.76 -14.63 -24.16
CA SER A 192 -25.63 -15.51 -25.31
C SER A 192 -24.74 -14.84 -26.35
N SER A 193 -23.90 -15.65 -27.01
CA SER A 193 -23.03 -15.18 -28.07
C SER A 193 -23.34 -15.97 -29.33
N VAL A 194 -23.69 -15.26 -30.41
CA VAL A 194 -24.16 -15.88 -31.64
C VAL A 194 -23.25 -15.46 -32.79
N VAL A 195 -23.41 -16.17 -33.91
CA VAL A 195 -22.65 -15.90 -35.12
C VAL A 195 -23.41 -16.46 -36.30
N THR A 196 -23.47 -15.68 -37.38
CA THR A 196 -24.14 -16.09 -38.62
C THR A 196 -23.12 -16.62 -39.61
N VAL A 197 -23.33 -17.84 -40.06
CA VAL A 197 -22.42 -18.51 -41.00
C VAL A 197 -23.24 -19.03 -42.17
N PRO A 198 -22.59 -19.28 -43.31
CA PRO A 198 -23.32 -19.88 -44.45
C PRO A 198 -23.82 -21.27 -44.10
N SER A 199 -24.99 -21.61 -44.64
CA SER A 199 -25.61 -22.90 -44.32
C SER A 199 -24.83 -24.06 -44.91
N SER A 200 -24.12 -23.84 -46.01
CA SER A 200 -23.39 -24.92 -46.66
C SER A 200 -22.19 -25.40 -45.84
N SER A 201 -21.70 -24.57 -44.92
CA SER A 201 -20.54 -24.92 -44.10
C SER A 201 -20.89 -25.69 -42.84
N LEU A 202 -22.19 -25.91 -42.58
CA LEU A 202 -22.60 -26.52 -41.32
C LEU A 202 -22.10 -27.95 -41.16
N GLY A 203 -21.77 -28.63 -42.26
CA GLY A 203 -21.29 -29.99 -42.17
C GLY A 203 -19.79 -30.12 -42.33
N THR A 204 -19.14 -29.07 -42.82
CA THR A 204 -17.72 -29.12 -43.16
C THR A 204 -16.85 -28.19 -42.32
N GLN A 205 -17.45 -27.39 -41.45
CA GLN A 205 -16.68 -26.45 -40.63
C GLN A 205 -17.11 -26.56 -39.18
N THR A 206 -16.13 -26.74 -38.30
CA THR A 206 -16.39 -26.80 -36.87
C THR A 206 -16.61 -25.40 -36.30
N TYR A 207 -17.38 -25.33 -35.22
CA TYR A 207 -17.64 -24.07 -34.52
C TYR A 207 -17.55 -24.34 -33.02
N ILE A 208 -16.51 -23.80 -32.38
CA ILE A 208 -16.32 -23.93 -30.94
C ILE A 208 -16.31 -22.53 -30.34
N CYS A 209 -17.12 -22.32 -29.30
CA CYS A 209 -17.14 -21.07 -28.56
C CYS A 209 -16.24 -21.20 -27.34
N ASN A 210 -15.36 -20.21 -27.16
CA ASN A 210 -14.37 -20.22 -26.09
C ASN A 210 -14.85 -19.28 -24.99
N VAL A 211 -15.33 -19.86 -23.89
CA VAL A 211 -15.88 -19.09 -22.77
C VAL A 211 -14.85 -19.03 -21.66
N ASN A 212 -14.58 -17.82 -21.16
CA ASN A 212 -13.62 -17.62 -20.09
C ASN A 212 -14.26 -16.74 -19.03
N HIS A 213 -14.18 -17.19 -17.77
CA HIS A 213 -14.72 -16.46 -16.62
C HIS A 213 -13.62 -16.42 -15.57
N LYS A 214 -12.82 -15.36 -15.59
CA LYS A 214 -11.66 -15.25 -14.69
C LYS A 214 -12.03 -15.32 -13.21
N PRO A 215 -13.11 -14.69 -12.72
CA PRO A 215 -13.40 -14.77 -11.28
C PRO A 215 -13.57 -16.18 -10.74
N SER A 216 -13.88 -17.17 -11.59
CA SER A 216 -14.07 -18.54 -11.14
C SER A 216 -13.05 -19.51 -11.72
N ASN A 217 -12.02 -19.01 -12.41
CA ASN A 217 -11.00 -19.85 -13.03
C ASN A 217 -11.60 -20.90 -13.96
N THR A 218 -12.60 -20.49 -14.73
CA THR A 218 -13.36 -21.39 -15.60
C THR A 218 -13.01 -21.13 -17.05
N LYS A 219 -12.68 -22.20 -17.78
CA LYS A 219 -12.46 -22.15 -19.22
C LYS A 219 -13.21 -23.30 -19.85
N VAL A 220 -14.17 -22.97 -20.72
CA VAL A 220 -15.03 -23.97 -21.35
C VAL A 220 -14.96 -23.78 -22.86
N ASP A 221 -14.59 -24.84 -23.58
CA ASP A 221 -14.63 -24.88 -25.03
C ASP A 221 -15.78 -25.79 -25.43
N LYS A 222 -16.84 -25.20 -25.99
CA LYS A 222 -18.06 -25.94 -26.32
C LYS A 222 -18.24 -25.98 -27.82
N LYS A 223 -18.45 -27.18 -28.35
CA LYS A 223 -18.69 -27.36 -29.77
C LYS A 223 -20.17 -27.22 -30.07
N VAL A 224 -20.49 -26.56 -31.19
CA VAL A 224 -21.87 -26.28 -31.58
C VAL A 224 -22.07 -26.94 -32.94
N GLU A 225 -22.75 -28.08 -32.93
CA GLU A 225 -23.04 -28.86 -34.12
C GLU A 225 -24.52 -28.77 -34.47
N PRO A 226 -24.90 -29.10 -35.70
CA PRO A 226 -26.33 -29.27 -36.00
C PRO A 226 -26.89 -30.46 -35.23
N LYS A 227 -28.08 -30.29 -34.68
CA LYS A 227 -28.66 -31.32 -33.83
C LYS A 227 -29.07 -32.53 -34.66
N SER A 228 -28.79 -33.72 -34.14
CA SER A 228 -29.13 -34.97 -34.79
C SER A 228 -30.47 -35.49 -34.26
N CYS A 229 -31.22 -36.12 -35.14
CA CYS A 229 -32.55 -36.59 -34.81
C CYS A 229 -32.71 -38.09 -35.06
N ASP B 1 -13.60 23.01 -7.67
CA ASP B 1 -13.77 21.90 -8.60
C ASP B 1 -14.38 22.39 -9.91
N ILE B 2 -13.67 22.16 -11.01
CA ILE B 2 -14.14 22.60 -12.32
C ILE B 2 -15.12 21.58 -12.88
N GLN B 3 -16.31 22.03 -13.24
CA GLN B 3 -17.36 21.17 -13.79
C GLN B 3 -17.49 21.41 -15.29
N LEU B 4 -17.60 20.31 -16.03
CA LEU B 4 -17.72 20.35 -17.49
C LEU B 4 -19.11 19.86 -17.88
N THR B 5 -19.85 20.70 -18.60
CA THR B 5 -21.19 20.38 -19.06
C THR B 5 -21.14 20.10 -20.56
N GLN B 6 -21.55 18.90 -20.96
CA GLN B 6 -21.45 18.44 -22.34
C GLN B 6 -22.85 18.37 -22.94
N SER B 7 -23.05 19.09 -24.04
CA SER B 7 -24.34 19.13 -24.72
C SER B 7 -24.17 18.76 -26.18
N PRO B 8 -25.07 17.93 -26.73
CA PRO B 8 -26.17 17.31 -25.99
C PRO B 8 -25.76 16.02 -25.28
N SER B 9 -26.70 15.39 -24.58
CA SER B 9 -26.42 14.10 -23.96
C SER B 9 -26.38 12.99 -25.00
N PHE B 10 -27.34 13.01 -25.93
CA PHE B 10 -27.39 12.05 -27.02
C PHE B 10 -27.59 12.79 -28.32
N LEU B 11 -27.19 12.15 -29.42
CA LEU B 11 -27.46 12.68 -30.75
C LEU B 11 -27.42 11.53 -31.75
N SER B 12 -28.22 11.67 -32.81
CA SER B 12 -28.30 10.68 -33.87
C SER B 12 -28.17 11.40 -35.21
N ALA B 13 -27.10 11.11 -35.94
CA ALA B 13 -26.85 11.75 -37.22
C ALA B 13 -26.58 10.69 -38.28
N SER B 14 -26.80 11.07 -39.53
CA SER B 14 -26.62 10.17 -40.66
C SER B 14 -25.16 10.11 -41.09
N VAL B 15 -24.82 9.08 -41.85
CA VAL B 15 -23.49 8.96 -42.42
C VAL B 15 -23.28 10.07 -43.44
N GLY B 16 -22.21 10.84 -43.25
CA GLY B 16 -21.92 11.98 -44.10
C GLY B 16 -22.35 13.32 -43.52
N ASP B 17 -23.16 13.32 -42.47
CA ASP B 17 -23.57 14.56 -41.84
C ASP B 17 -22.39 15.20 -41.10
N ARG B 18 -22.57 16.47 -40.74
CA ARG B 18 -21.58 17.21 -39.97
C ARG B 18 -22.07 17.34 -38.54
N VAL B 19 -21.32 16.78 -37.59
CA VAL B 19 -21.73 16.70 -36.20
C VAL B 19 -20.91 17.69 -35.38
N THR B 20 -21.56 18.31 -34.40
CA THR B 20 -20.90 19.28 -33.53
C THR B 20 -21.32 19.02 -32.08
N ILE B 21 -20.35 18.81 -31.21
CA ILE B 21 -20.57 18.55 -29.79
C ILE B 21 -19.97 19.69 -28.99
N THR B 22 -20.71 20.17 -27.99
CA THR B 22 -20.31 21.32 -27.18
C THR B 22 -19.92 20.88 -25.78
N CYS B 23 -18.82 21.45 -25.27
CA CYS B 23 -18.36 21.22 -23.91
C CYS B 23 -18.15 22.56 -23.25
N ARG B 24 -18.90 22.84 -22.18
CA ARG B 24 -18.89 24.13 -21.53
C ARG B 24 -18.35 23.97 -20.11
N ALA B 25 -17.27 24.70 -19.80
CA ALA B 25 -16.65 24.63 -18.50
C ALA B 25 -17.25 25.65 -17.55
N SER B 26 -17.31 25.29 -16.26
CA SER B 26 -17.86 26.18 -15.26
C SER B 26 -17.04 27.45 -15.08
N GLN B 27 -15.76 27.43 -15.51
CA GLN B 27 -14.91 28.61 -15.48
C GLN B 27 -14.08 28.63 -16.76
N GLY B 28 -13.30 29.68 -16.93
CA GLY B 28 -12.44 29.80 -18.09
C GLY B 28 -11.12 29.08 -17.92
N ILE B 29 -10.87 28.06 -18.74
CA ILE B 29 -9.67 27.26 -18.62
C ILE B 29 -8.81 27.43 -19.88
N SER B 30 -8.94 28.58 -20.53
CA SER B 30 -8.14 28.92 -21.71
C SER B 30 -8.28 27.86 -22.80
N SER B 31 -7.20 27.11 -23.05
CA SER B 31 -7.19 26.03 -24.02
C SER B 31 -6.80 24.70 -23.39
N TYR B 32 -7.03 24.57 -22.09
CA TYR B 32 -6.66 23.35 -21.35
C TYR B 32 -7.82 22.33 -21.42
N LEU B 33 -8.03 21.81 -22.63
CA LEU B 33 -9.09 20.84 -22.85
C LEU B 33 -8.61 19.74 -23.79
N ALA B 34 -9.10 18.52 -23.55
CA ALA B 34 -8.85 17.38 -24.42
C ALA B 34 -10.16 16.65 -24.70
N TRP B 35 -10.21 15.97 -25.84
CA TRP B 35 -11.38 15.20 -26.26
C TRP B 35 -11.02 13.72 -26.34
N TYR B 36 -11.98 12.86 -26.00
CA TYR B 36 -11.79 11.42 -26.03
C TYR B 36 -12.95 10.74 -26.74
N GLN B 37 -12.65 9.60 -27.35
CA GLN B 37 -13.65 8.77 -28.02
C GLN B 37 -13.67 7.41 -27.35
N GLN B 38 -14.82 7.01 -26.82
CA GLN B 38 -14.96 5.73 -26.15
C GLN B 38 -15.99 4.89 -26.90
N LYS B 39 -15.52 3.86 -27.59
CA LYS B 39 -16.39 2.88 -28.21
C LYS B 39 -16.78 1.81 -27.20
N PRO B 40 -17.90 1.13 -27.40
CA PRO B 40 -18.38 0.17 -26.40
C PRO B 40 -17.35 -0.91 -26.10
N GLY B 41 -17.20 -1.20 -24.80
CA GLY B 41 -16.27 -2.21 -24.33
C GLY B 41 -14.81 -1.84 -24.43
N LYS B 42 -14.49 -0.64 -24.91
CA LYS B 42 -13.11 -0.22 -25.08
C LYS B 42 -12.79 0.94 -24.14
N ALA B 43 -11.50 1.12 -23.89
CA ALA B 43 -11.06 2.28 -23.13
C ALA B 43 -11.20 3.54 -23.98
N PRO B 44 -11.36 4.71 -23.35
CA PRO B 44 -11.40 5.96 -24.11
C PRO B 44 -10.10 6.18 -24.88
N LYS B 45 -10.25 6.74 -26.08
CA LYS B 45 -9.14 6.97 -26.99
C LYS B 45 -8.95 8.48 -27.19
N LEU B 46 -7.73 8.94 -27.02
CA LEU B 46 -7.45 10.37 -27.14
C LEU B 46 -7.63 10.83 -28.59
N LEU B 47 -8.41 11.89 -28.76
CA LEU B 47 -8.63 12.49 -30.08
C LEU B 47 -7.92 13.83 -30.21
N ILE B 48 -8.31 14.81 -29.39
CA ILE B 48 -7.76 16.17 -29.45
C ILE B 48 -7.20 16.51 -28.09
N TYR B 49 -6.09 17.24 -28.08
CA TYR B 49 -5.56 17.85 -26.86
C TYR B 49 -5.23 19.31 -27.17
N ALA B 50 -5.10 20.10 -26.09
CA ALA B 50 -4.91 21.54 -26.21
C ALA B 50 -6.02 22.17 -27.06
N ALA B 51 -7.24 21.69 -26.84
CA ALA B 51 -8.46 22.22 -27.47
C ALA B 51 -8.54 21.98 -28.98
N SER B 52 -7.41 22.08 -29.69
CA SER B 52 -7.45 22.02 -31.14
C SER B 52 -6.35 21.20 -31.80
N THR B 53 -5.41 20.63 -31.03
CA THR B 53 -4.32 19.86 -31.61
C THR B 53 -4.74 18.41 -31.77
N LEU B 54 -4.73 17.92 -33.00
CA LEU B 54 -5.17 16.56 -33.30
C LEU B 54 -4.07 15.57 -32.94
N GLN B 55 -4.48 14.47 -32.28
CA GLN B 55 -3.53 13.45 -31.88
C GLN B 55 -3.07 12.64 -33.09
N SER B 56 -1.79 12.30 -33.11
CA SER B 56 -1.22 11.51 -34.20
C SER B 56 -1.92 10.15 -34.29
N GLY B 57 -2.56 9.91 -35.43
CA GLY B 57 -3.31 8.69 -35.65
C GLY B 57 -4.82 8.83 -35.62
N VAL B 58 -5.34 10.06 -35.68
CA VAL B 58 -6.78 10.31 -35.67
C VAL B 58 -7.18 10.82 -37.04
N PRO B 59 -8.30 10.35 -37.62
CA PRO B 59 -8.73 10.83 -38.93
C PRO B 59 -8.89 12.35 -38.96
N SER B 60 -8.59 12.94 -40.11
CA SER B 60 -8.62 14.39 -40.24
C SER B 60 -10.02 14.96 -40.17
N ARG B 61 -11.04 14.11 -40.30
CA ARG B 61 -12.42 14.59 -40.19
C ARG B 61 -12.75 15.06 -38.79
N PHE B 62 -11.97 14.64 -37.78
CA PHE B 62 -12.13 15.14 -36.43
C PHE B 62 -11.37 16.45 -36.26
N SER B 63 -11.95 17.36 -35.47
CA SER B 63 -11.34 18.65 -35.23
C SER B 63 -11.97 19.27 -33.99
N GLY B 64 -11.15 19.99 -33.24
CA GLY B 64 -11.61 20.69 -32.05
C GLY B 64 -11.27 22.16 -32.15
N SER B 65 -12.05 22.98 -31.45
CA SER B 65 -11.82 24.42 -31.42
C SER B 65 -12.48 24.99 -30.18
N GLY B 66 -12.17 26.25 -29.90
CA GLY B 66 -12.72 26.93 -28.75
C GLY B 66 -11.67 27.45 -27.79
N SER B 67 -12.05 28.42 -26.96
CA SER B 67 -11.14 29.01 -25.98
C SER B 67 -11.96 29.63 -24.87
N GLY B 68 -11.49 29.48 -23.64
CA GLY B 68 -12.17 30.05 -22.49
C GLY B 68 -13.13 29.08 -21.83
N THR B 69 -14.43 29.25 -22.08
CA THR B 69 -15.46 28.46 -21.42
C THR B 69 -16.18 27.48 -22.33
N GLU B 70 -16.31 27.78 -23.62
CA GLU B 70 -17.06 26.95 -24.54
C GLU B 70 -16.12 26.35 -25.58
N PHE B 71 -16.22 25.04 -25.80
CA PHE B 71 -15.41 24.34 -26.78
C PHE B 71 -16.30 23.41 -27.58
N THR B 72 -15.88 23.14 -28.82
CA THR B 72 -16.67 22.32 -29.74
C THR B 72 -15.78 21.26 -30.39
N LEU B 73 -16.32 20.05 -30.49
CA LEU B 73 -15.72 18.96 -31.26
C LEU B 73 -16.56 18.75 -32.50
N THR B 74 -15.91 18.68 -33.66
CA THR B 74 -16.61 18.63 -34.94
C THR B 74 -16.13 17.44 -35.75
N ILE B 75 -17.09 16.62 -36.19
CA ILE B 75 -16.83 15.53 -37.13
C ILE B 75 -17.42 15.97 -38.47
N SER B 76 -16.55 16.27 -39.43
CA SER B 76 -17.00 16.87 -40.68
C SER B 76 -17.84 15.90 -41.51
N SER B 77 -17.48 14.62 -41.51
CA SER B 77 -18.21 13.61 -42.28
C SER B 77 -18.33 12.36 -41.39
N LEU B 78 -19.51 12.18 -40.81
CA LEU B 78 -19.73 11.08 -39.88
C LEU B 78 -19.65 9.74 -40.61
N GLN B 79 -18.91 8.80 -40.04
CA GLN B 79 -18.74 7.46 -40.58
C GLN B 79 -19.38 6.43 -39.65
N PRO B 80 -19.73 5.25 -40.17
CA PRO B 80 -20.35 4.24 -39.30
C PRO B 80 -19.49 3.85 -38.10
N GLU B 81 -18.17 3.79 -38.27
CA GLU B 81 -17.29 3.42 -37.18
C GLU B 81 -17.17 4.51 -36.12
N ASP B 82 -17.73 5.69 -36.35
CA ASP B 82 -17.66 6.77 -35.39
C ASP B 82 -18.71 6.69 -34.29
N PHE B 83 -19.46 5.58 -34.22
CA PHE B 83 -20.41 5.37 -33.14
C PHE B 83 -19.65 5.19 -31.84
N ALA B 84 -19.80 6.12 -30.91
CA ALA B 84 -19.08 6.08 -29.64
C ALA B 84 -19.68 7.13 -28.72
N THR B 85 -19.17 7.17 -27.48
CA THR B 85 -19.49 8.21 -26.51
C THR B 85 -18.26 9.08 -26.34
N TYR B 86 -18.40 10.37 -26.63
CA TYR B 86 -17.28 11.30 -26.64
C TYR B 86 -17.25 12.12 -25.36
N TYR B 87 -16.08 12.20 -24.74
CA TYR B 87 -15.89 12.92 -23.49
C TYR B 87 -14.87 14.04 -23.67
N CYS B 88 -15.12 15.16 -23.01
CA CYS B 88 -14.13 16.22 -22.89
C CYS B 88 -13.51 16.17 -21.49
N GLN B 89 -12.30 16.73 -21.38
CA GLN B 89 -11.56 16.69 -20.13
C GLN B 89 -10.75 17.96 -19.96
N GLN B 90 -10.95 18.67 -18.85
CA GLN B 90 -10.16 19.82 -18.51
C GLN B 90 -8.80 19.39 -17.96
N LEU B 91 -7.75 20.07 -18.40
CA LEU B 91 -6.38 19.75 -18.00
C LEU B 91 -5.68 20.97 -17.40
N ASN B 92 -6.42 21.76 -16.63
CA ASN B 92 -5.88 22.97 -16.04
C ASN B 92 -5.72 22.91 -14.53
N SER B 93 -6.70 22.36 -13.83
CA SER B 93 -6.75 22.39 -12.38
C SER B 93 -7.07 21.01 -11.82
N TYR B 94 -6.56 20.74 -10.62
CA TYR B 94 -6.87 19.50 -9.93
C TYR B 94 -8.04 19.69 -8.97
N PRO B 95 -8.92 18.69 -8.82
CA PRO B 95 -8.84 17.37 -9.43
C PRO B 95 -9.22 17.35 -10.91
N LEU B 96 -8.63 16.43 -11.66
CA LEU B 96 -8.96 16.29 -13.08
C LEU B 96 -10.39 15.79 -13.23
N THR B 97 -11.16 16.43 -14.10
CA THR B 97 -12.57 16.12 -14.27
C THR B 97 -12.90 15.94 -15.74
N PHE B 98 -13.92 15.13 -16.00
CA PHE B 98 -14.42 14.87 -17.34
C PHE B 98 -15.82 15.45 -17.50
N GLY B 99 -16.26 15.55 -18.76
CA GLY B 99 -17.62 15.89 -19.04
C GLY B 99 -18.54 14.69 -18.90
N GLY B 100 -19.84 14.93 -19.10
CA GLY B 100 -20.82 13.86 -18.98
C GLY B 100 -20.84 12.89 -20.14
N GLY B 101 -20.28 13.27 -21.28
CA GLY B 101 -20.25 12.40 -22.43
C GLY B 101 -21.41 12.62 -23.39
N THR B 102 -21.15 12.51 -24.68
CA THR B 102 -22.18 12.64 -25.71
C THR B 102 -22.19 11.36 -26.54
N LYS B 103 -23.23 10.56 -26.37
CA LYS B 103 -23.37 9.32 -27.12
C LYS B 103 -23.88 9.64 -28.52
N VAL B 104 -23.13 9.22 -29.54
CA VAL B 104 -23.42 9.53 -30.93
C VAL B 104 -23.92 8.25 -31.61
N GLU B 105 -25.19 8.25 -32.00
CA GLU B 105 -25.77 7.15 -32.74
C GLU B 105 -25.74 7.45 -34.23
N ILE B 106 -25.69 6.40 -35.04
CA ILE B 106 -25.67 6.51 -36.49
C ILE B 106 -27.09 6.33 -37.02
N LYS B 107 -27.49 7.20 -37.94
CA LYS B 107 -28.77 7.07 -38.62
C LYS B 107 -28.53 6.55 -40.03
N ARG B 108 -29.06 5.37 -40.32
CA ARG B 108 -28.88 4.74 -41.62
C ARG B 108 -30.25 4.34 -42.18
N THR B 109 -30.24 3.69 -43.34
CA THR B 109 -31.48 3.18 -43.92
C THR B 109 -32.05 2.08 -43.04
N VAL B 110 -33.37 1.93 -43.08
CA VAL B 110 -34.04 0.94 -42.25
C VAL B 110 -33.67 -0.45 -42.73
N ALA B 111 -33.40 -1.35 -41.77
CA ALA B 111 -33.01 -2.72 -42.05
C ALA B 111 -33.88 -3.66 -41.24
N ALA B 112 -34.57 -4.58 -41.92
CA ALA B 112 -35.40 -5.56 -41.24
C ALA B 112 -34.52 -6.60 -40.54
N PRO B 113 -34.99 -7.15 -39.41
CA PRO B 113 -34.16 -8.12 -38.68
C PRO B 113 -34.32 -9.53 -39.22
N SER B 114 -33.21 -10.27 -39.20
CA SER B 114 -33.26 -11.71 -39.44
C SER B 114 -33.57 -12.41 -38.12
N VAL B 115 -34.59 -13.26 -38.13
CA VAL B 115 -35.12 -13.87 -36.92
C VAL B 115 -34.74 -15.34 -36.87
N PHE B 116 -34.26 -15.78 -35.73
CA PHE B 116 -33.94 -17.19 -35.48
C PHE B 116 -34.48 -17.57 -34.10
N ILE B 117 -34.79 -18.84 -33.93
CA ILE B 117 -35.28 -19.36 -32.65
C ILE B 117 -34.50 -20.62 -32.32
N PHE B 118 -34.08 -20.74 -31.06
CA PHE B 118 -33.26 -21.85 -30.61
C PHE B 118 -33.95 -22.60 -29.49
N PRO B 119 -34.18 -23.90 -29.61
CA PRO B 119 -34.78 -24.67 -28.53
C PRO B 119 -33.78 -24.85 -27.39
N PRO B 120 -34.25 -25.20 -26.20
CA PRO B 120 -33.32 -25.52 -25.11
C PRO B 120 -32.59 -26.83 -25.40
N SER B 121 -31.27 -26.80 -25.26
CA SER B 121 -30.47 -27.99 -25.53
C SER B 121 -30.82 -29.11 -24.58
N ASP B 122 -30.63 -30.34 -25.03
CA ASP B 122 -30.89 -31.50 -24.19
C ASP B 122 -29.98 -31.50 -22.96
N GLU B 123 -28.82 -30.85 -23.05
CA GLU B 123 -27.93 -30.75 -21.90
C GLU B 123 -28.54 -29.86 -20.82
N GLN B 124 -29.25 -28.81 -21.22
CA GLN B 124 -29.83 -27.90 -20.24
C GLN B 124 -31.12 -28.46 -19.65
N LEU B 125 -31.92 -29.14 -20.47
CA LEU B 125 -33.15 -29.78 -19.96
C LEU B 125 -32.83 -30.78 -18.86
N LYS B 126 -31.63 -31.36 -18.88
CA LYS B 126 -31.20 -32.24 -17.80
C LYS B 126 -31.01 -31.49 -16.49
N SER B 127 -30.72 -30.18 -16.54
CA SER B 127 -30.51 -29.39 -15.34
C SER B 127 -31.80 -28.95 -14.68
N GLY B 128 -32.95 -29.19 -15.31
CA GLY B 128 -34.23 -28.79 -14.74
C GLY B 128 -34.73 -27.44 -15.19
N THR B 129 -33.95 -26.69 -15.97
CA THR B 129 -34.34 -25.38 -16.46
C THR B 129 -34.28 -25.37 -17.99
N ALA B 130 -35.25 -24.71 -18.61
CA ALA B 130 -35.32 -24.60 -20.06
C ALA B 130 -35.21 -23.14 -20.46
N SER B 131 -34.32 -22.85 -21.40
CA SER B 131 -34.13 -21.51 -21.94
C SER B 131 -34.36 -21.55 -23.43
N VAL B 132 -35.28 -20.71 -23.91
CA VAL B 132 -35.58 -20.60 -25.34
C VAL B 132 -35.12 -19.22 -25.79
N VAL B 133 -34.21 -19.18 -26.76
CA VAL B 133 -33.57 -17.96 -27.22
C VAL B 133 -34.13 -17.59 -28.59
N CYS B 134 -34.48 -16.32 -28.75
CA CYS B 134 -34.92 -15.77 -30.03
C CYS B 134 -33.97 -14.67 -30.43
N LEU B 135 -33.44 -14.74 -31.66
CA LEU B 135 -32.42 -13.82 -32.13
C LEU B 135 -32.99 -12.90 -33.20
N LEU B 136 -32.78 -11.59 -33.03
CA LEU B 136 -33.07 -10.58 -34.04
C LEU B 136 -31.73 -10.01 -34.49
N ASN B 137 -31.37 -10.24 -35.74
CA ASN B 137 -30.00 -10.02 -36.20
C ASN B 137 -29.94 -8.88 -37.21
N ASN B 138 -29.04 -7.93 -36.96
CA ASN B 138 -28.66 -6.89 -37.92
C ASN B 138 -29.87 -6.12 -38.44
N PHE B 139 -30.42 -5.29 -37.56
CA PHE B 139 -31.56 -4.46 -37.89
C PHE B 139 -31.33 -3.02 -37.46
N TYR B 140 -32.05 -2.11 -38.12
CA TYR B 140 -32.05 -0.70 -37.79
C TYR B 140 -33.43 -0.16 -38.13
N PRO B 141 -34.03 0.70 -37.28
CA PRO B 141 -33.48 1.25 -36.04
C PRO B 141 -33.49 0.29 -34.86
N ARG B 142 -33.19 0.83 -33.67
CA ARG B 142 -33.00 0.01 -32.49
C ARG B 142 -34.32 -0.56 -31.96
N GLU B 143 -35.44 0.12 -32.22
CA GLU B 143 -36.71 -0.27 -31.64
C GLU B 143 -37.25 -1.53 -32.30
N ALA B 144 -37.54 -2.54 -31.49
CA ALA B 144 -38.11 -3.78 -31.97
C ALA B 144 -38.99 -4.38 -30.88
N LYS B 145 -39.96 -5.19 -31.31
CA LYS B 145 -40.95 -5.78 -30.42
C LYS B 145 -40.96 -7.29 -30.58
N VAL B 146 -40.81 -8.00 -29.47
CA VAL B 146 -40.74 -9.46 -29.47
C VAL B 146 -41.80 -9.99 -28.52
N GLN B 147 -42.72 -10.80 -29.05
CA GLN B 147 -43.78 -11.43 -28.27
C GLN B 147 -43.56 -12.93 -28.25
N TRP B 148 -43.68 -13.54 -27.07
CA TRP B 148 -43.51 -14.97 -26.91
C TRP B 148 -44.88 -15.64 -26.80
N LYS B 149 -45.11 -16.64 -27.67
CA LYS B 149 -46.33 -17.41 -27.66
C LYS B 149 -46.00 -18.87 -27.42
N VAL B 150 -46.62 -19.46 -26.40
CA VAL B 150 -46.47 -20.86 -26.06
C VAL B 150 -47.85 -21.50 -26.18
N ASP B 151 -48.05 -22.28 -27.25
CA ASP B 151 -49.37 -22.79 -27.62
C ASP B 151 -50.35 -21.64 -27.84
N ASN B 152 -49.89 -20.63 -28.58
CA ASN B 152 -50.64 -19.42 -28.90
C ASN B 152 -51.05 -18.63 -27.66
N ALA B 153 -50.42 -18.90 -26.51
CA ALA B 153 -50.66 -18.16 -25.28
C ALA B 153 -49.53 -17.15 -25.10
N LEU B 154 -49.88 -15.87 -25.19
CA LEU B 154 -48.87 -14.81 -25.08
C LEU B 154 -48.24 -14.82 -23.69
N GLN B 155 -46.91 -14.90 -23.66
CA GLN B 155 -46.18 -14.94 -22.40
C GLN B 155 -45.78 -13.53 -21.97
N SER B 156 -45.63 -13.34 -20.66
CA SER B 156 -45.19 -12.07 -20.10
C SER B 156 -44.64 -12.31 -18.71
N GLY B 157 -43.53 -11.65 -18.39
CA GLY B 157 -42.90 -11.76 -17.09
C GLY B 157 -41.85 -12.84 -16.99
N ASN B 158 -41.62 -13.63 -18.04
CA ASN B 158 -40.65 -14.71 -18.02
C ASN B 158 -39.64 -14.58 -19.15
N SER B 159 -39.40 -13.37 -19.64
CA SER B 159 -38.49 -13.14 -20.74
C SER B 159 -37.67 -11.88 -20.48
N GLN B 160 -36.39 -11.94 -20.84
CA GLN B 160 -35.49 -10.81 -20.74
C GLN B 160 -34.83 -10.58 -22.10
N GLU B 161 -34.57 -9.31 -22.41
CA GLU B 161 -33.98 -8.93 -23.68
C GLU B 161 -32.58 -8.37 -23.48
N SER B 162 -31.82 -8.33 -24.57
CA SER B 162 -30.47 -7.78 -24.55
C SER B 162 -30.12 -7.31 -25.95
N VAL B 163 -29.65 -6.07 -26.06
CA VAL B 163 -29.38 -5.44 -27.34
C VAL B 163 -27.91 -5.08 -27.40
N THR B 164 -27.25 -5.47 -28.50
CA THR B 164 -25.86 -5.09 -28.71
C THR B 164 -25.77 -3.61 -29.05
N GLU B 165 -24.60 -3.04 -28.79
CA GLU B 165 -24.33 -1.68 -29.25
C GLU B 165 -24.22 -1.65 -30.76
N GLN B 166 -24.34 -0.44 -31.32
CA GLN B 166 -24.40 -0.30 -32.77
C GLN B 166 -23.12 -0.84 -33.41
N ASP B 167 -23.30 -1.67 -34.43
CA ASP B 167 -22.16 -2.29 -35.10
C ASP B 167 -21.33 -1.24 -35.83
N SER B 168 -20.01 -1.37 -35.71
CA SER B 168 -19.08 -0.36 -36.23
C SER B 168 -18.88 -0.44 -37.73
N LYS B 169 -19.59 -1.31 -38.44
CA LYS B 169 -19.37 -1.49 -39.87
C LYS B 169 -20.63 -1.32 -40.71
N ASP B 170 -21.78 -1.83 -40.24
CA ASP B 170 -23.04 -1.62 -40.93
C ASP B 170 -24.04 -0.82 -40.12
N SER B 171 -23.70 -0.45 -38.88
CA SER B 171 -24.52 0.46 -38.07
C SER B 171 -25.85 -0.17 -37.67
N THR B 172 -25.92 -1.51 -37.63
CA THR B 172 -27.13 -2.21 -37.25
C THR B 172 -27.08 -2.61 -35.78
N TYR B 173 -28.20 -3.13 -35.30
CA TYR B 173 -28.32 -3.65 -33.95
C TYR B 173 -28.71 -5.13 -34.00
N SER B 174 -28.53 -5.79 -32.86
CA SER B 174 -28.95 -7.18 -32.70
C SER B 174 -29.56 -7.36 -31.31
N LEU B 175 -30.63 -8.14 -31.25
CA LEU B 175 -31.38 -8.36 -30.02
C LEU B 175 -31.56 -9.85 -29.77
N SER B 176 -31.46 -10.25 -28.50
CA SER B 176 -31.72 -11.62 -28.09
C SER B 176 -32.75 -11.60 -26.97
N SER B 177 -33.78 -12.44 -27.09
CA SER B 177 -34.82 -12.56 -26.09
C SER B 177 -34.82 -14.00 -25.57
N THR B 178 -34.66 -14.16 -24.27
CA THR B 178 -34.53 -15.47 -23.64
C THR B 178 -35.80 -15.77 -22.84
N LEU B 179 -36.46 -16.87 -23.16
CA LEU B 179 -37.65 -17.32 -22.44
C LEU B 179 -37.23 -18.40 -21.45
N THR B 180 -37.35 -18.11 -20.16
CA THR B 180 -36.93 -19.03 -19.10
C THR B 180 -38.14 -19.78 -18.57
N LEU B 181 -38.04 -21.11 -18.57
CA LEU B 181 -39.10 -21.97 -18.07
C LEU B 181 -38.48 -23.08 -17.23
N SER B 182 -39.32 -23.76 -16.46
CA SER B 182 -38.90 -24.98 -15.78
C SER B 182 -39.02 -26.15 -16.74
N LYS B 183 -38.23 -27.20 -16.49
CA LYS B 183 -38.30 -28.39 -17.32
C LYS B 183 -39.70 -28.99 -17.33
N ALA B 184 -40.40 -28.91 -16.19
CA ALA B 184 -41.77 -29.42 -16.13
C ALA B 184 -42.71 -28.57 -16.99
N ASP B 185 -42.65 -27.25 -16.83
CA ASP B 185 -43.52 -26.38 -17.61
C ASP B 185 -43.17 -26.42 -19.10
N TYR B 186 -41.91 -26.68 -19.43
CA TYR B 186 -41.52 -26.75 -20.83
C TYR B 186 -42.13 -27.96 -21.51
N GLU B 187 -42.21 -29.09 -20.80
CA GLU B 187 -42.74 -30.33 -21.37
C GLU B 187 -44.26 -30.36 -21.42
N LYS B 188 -44.94 -29.38 -20.81
CA LYS B 188 -46.41 -29.39 -20.82
C LYS B 188 -46.98 -28.87 -22.14
N HIS B 189 -46.26 -27.98 -22.82
CA HIS B 189 -46.73 -27.38 -24.06
C HIS B 189 -45.87 -27.83 -25.22
N LYS B 190 -46.30 -27.47 -26.43
CA LYS B 190 -45.68 -27.98 -27.65
C LYS B 190 -45.14 -26.87 -28.55
N VAL B 191 -46.00 -25.97 -29.04
CA VAL B 191 -45.58 -24.99 -30.03
C VAL B 191 -44.97 -23.79 -29.31
N TYR B 192 -43.70 -23.49 -29.63
CA TYR B 192 -43.01 -22.33 -29.10
C TYR B 192 -42.68 -21.40 -30.26
N ALA B 193 -42.96 -20.11 -30.09
CA ALA B 193 -42.75 -19.16 -31.17
C ALA B 193 -42.50 -17.77 -30.59
N CYS B 194 -41.60 -17.02 -31.23
CA CYS B 194 -41.40 -15.60 -30.96
C CYS B 194 -41.85 -14.80 -32.16
N GLU B 195 -42.74 -13.85 -31.94
CA GLU B 195 -43.28 -13.01 -33.00
C GLU B 195 -42.58 -11.65 -32.97
N VAL B 196 -42.02 -11.25 -34.11
CA VAL B 196 -41.18 -10.07 -34.22
C VAL B 196 -41.84 -9.04 -35.11
N THR B 197 -41.83 -7.78 -34.67
CA THR B 197 -42.24 -6.65 -35.47
C THR B 197 -41.17 -5.58 -35.40
N HIS B 198 -40.75 -5.08 -36.55
CA HIS B 198 -39.70 -4.06 -36.63
C HIS B 198 -39.90 -3.26 -37.91
N GLN B 199 -39.63 -1.95 -37.82
CA GLN B 199 -39.95 -0.98 -38.87
C GLN B 199 -39.68 -1.50 -40.28
N GLY B 200 -38.61 -2.23 -40.46
CA GLY B 200 -38.29 -2.79 -41.77
C GLY B 200 -39.16 -3.97 -42.17
N LEU B 201 -39.92 -4.52 -41.24
CA LEU B 201 -40.84 -5.59 -41.55
C LEU B 201 -42.18 -5.02 -41.98
N SER B 202 -42.91 -5.84 -42.73
CA SER B 202 -44.13 -5.40 -43.36
C SER B 202 -45.31 -6.29 -43.03
N SER B 203 -45.09 -7.51 -42.56
CA SER B 203 -46.04 -8.28 -41.78
C SER B 203 -45.23 -9.00 -40.70
N PRO B 204 -45.80 -9.20 -39.52
CA PRO B 204 -45.00 -9.78 -38.42
C PRO B 204 -44.38 -11.11 -38.81
N VAL B 205 -43.17 -11.34 -38.29
CA VAL B 205 -42.40 -12.54 -38.59
C VAL B 205 -42.44 -13.45 -37.38
N THR B 206 -42.76 -14.72 -37.61
CA THR B 206 -42.88 -15.72 -36.54
C THR B 206 -42.00 -16.91 -36.87
N LYS B 207 -40.99 -17.15 -36.04
CA LYS B 207 -40.18 -18.36 -36.11
C LYS B 207 -40.61 -19.29 -34.98
N SER B 208 -40.95 -20.54 -35.33
CA SER B 208 -41.51 -21.47 -34.38
C SER B 208 -40.89 -22.85 -34.54
N PHE B 209 -40.89 -23.59 -33.45
CA PHE B 209 -40.50 -24.99 -33.45
C PHE B 209 -41.48 -25.77 -32.59
N ASN B 210 -41.49 -27.09 -32.76
CA ASN B 210 -42.32 -27.99 -31.99
C ASN B 210 -41.45 -28.78 -31.03
N ARG B 211 -41.81 -28.78 -29.75
CA ARG B 211 -41.02 -29.46 -28.74
C ARG B 211 -40.90 -30.94 -29.05
N GLY B 212 -39.67 -31.42 -29.16
CA GLY B 212 -39.39 -32.82 -29.47
C GLY B 212 -39.30 -33.11 -30.96
N GLU B 213 -40.19 -32.51 -31.75
CA GLU B 213 -40.17 -32.73 -33.19
C GLU B 213 -38.91 -32.09 -33.80
N CYS B 214 -38.24 -32.85 -34.65
CA CYS B 214 -36.99 -32.42 -35.28
C CYS B 214 -37.15 -31.12 -36.06
N ASP C 1 17.17 13.99 32.49
CA ASP C 1 16.99 13.37 31.18
C ASP C 1 15.64 13.74 30.58
N ILE C 2 15.47 13.42 29.31
CA ILE C 2 14.20 13.61 28.61
C ILE C 2 13.47 12.27 28.58
N VAL C 3 12.30 12.22 29.20
CA VAL C 3 11.50 11.00 29.25
C VAL C 3 10.60 10.95 28.03
N MET C 4 10.69 9.86 27.27
CA MET C 4 9.85 9.65 26.10
C MET C 4 8.77 8.63 26.46
N THR C 5 7.51 9.01 26.30
CA THR C 5 6.37 8.15 26.59
C THR C 5 5.56 7.93 25.33
N GLN C 6 5.23 6.67 25.06
CA GLN C 6 4.45 6.29 23.88
C GLN C 6 3.06 5.82 24.29
N SER C 7 2.14 5.91 23.33
CA SER C 7 0.76 5.50 23.57
C SER C 7 0.09 5.27 22.23
N PRO C 8 -0.82 4.29 22.12
CA PRO C 8 -1.24 3.39 23.21
C PRO C 8 -0.24 2.28 23.47
N GLY C 9 -0.48 1.50 24.52
CA GLY C 9 0.36 0.35 24.81
C GLY C 9 0.24 -0.70 23.72
N THR C 10 -0.99 -1.12 23.45
CA THR C 10 -1.30 -2.04 22.35
C THR C 10 -2.34 -1.40 21.46
N LEU C 11 -2.08 -1.39 20.15
CA LEU C 11 -2.96 -0.79 19.16
C LEU C 11 -3.60 -1.91 18.35
N SER C 12 -4.87 -2.17 18.62
CA SER C 12 -5.59 -3.31 18.06
C SER C 12 -6.35 -2.85 16.83
N LEU C 13 -5.77 -3.07 15.65
CA LEU C 13 -6.35 -2.56 14.41
C LEU C 13 -6.50 -3.65 13.38
N SER C 14 -7.53 -3.50 12.53
CA SER C 14 -7.76 -4.42 11.42
C SER C 14 -6.89 -4.04 10.22
N PRO C 15 -6.45 -5.01 9.43
CA PRO C 15 -5.64 -4.69 8.25
C PRO C 15 -6.46 -3.90 7.23
N GLY C 16 -5.92 -2.76 6.82
CA GLY C 16 -6.61 -1.84 5.94
C GLY C 16 -7.05 -0.56 6.61
N GLU C 17 -7.00 -0.49 7.93
CA GLU C 17 -7.36 0.73 8.64
C GLU C 17 -6.17 1.67 8.70
N ARG C 18 -6.36 2.81 9.35
CA ARG C 18 -5.33 3.83 9.53
C ARG C 18 -4.86 3.80 10.97
N ALA C 19 -3.56 3.59 11.16
CA ALA C 19 -2.96 3.56 12.48
C ALA C 19 -2.44 4.94 12.87
N THR C 20 -2.53 5.24 14.16
CA THR C 20 -2.04 6.50 14.70
C THR C 20 -1.34 6.23 16.03
N LEU C 21 -0.05 6.53 16.09
CA LEU C 21 0.77 6.31 17.27
C LEU C 21 1.28 7.65 17.77
N SER C 22 1.33 7.80 19.09
CA SER C 22 1.75 9.04 19.73
C SER C 22 3.07 8.84 20.46
N CYS C 23 3.85 9.93 20.51
CA CYS C 23 5.13 9.95 21.22
C CYS C 23 5.24 11.28 21.93
N ARG C 24 5.34 11.25 23.25
CA ARG C 24 5.38 12.45 24.07
C ARG C 24 6.74 12.61 24.73
N ALA C 25 7.20 13.86 24.82
CA ALA C 25 8.46 14.19 25.46
C ALA C 25 8.20 14.98 26.75
N SER C 26 9.07 14.76 27.74
CA SER C 26 8.91 15.44 29.02
C SER C 26 9.18 16.94 28.91
N GLN C 27 9.99 17.35 27.94
CA GLN C 27 10.30 18.76 27.74
C GLN C 27 10.32 19.04 26.24
N SER C 28 9.99 20.29 25.89
CA SER C 28 9.99 20.71 24.50
C SER C 28 11.37 20.50 23.87
N PHE C 29 11.37 20.03 22.63
CA PHE C 29 12.63 19.75 21.94
C PHE C 29 13.32 21.05 21.57
N THR C 30 14.11 21.58 22.51
CA THR C 30 14.89 22.78 22.29
C THR C 30 15.88 22.56 21.15
N SER C 31 16.83 21.66 21.35
CA SER C 31 17.84 21.33 20.36
C SER C 31 17.92 19.82 20.17
N SER C 32 16.78 19.21 19.88
CA SER C 32 16.71 17.76 19.76
C SER C 32 15.88 17.38 18.54
N TYR C 33 15.96 16.11 18.19
CA TYR C 33 15.35 15.54 17.00
C TYR C 33 14.42 14.41 17.42
N LEU C 34 13.87 13.70 16.44
CA LEU C 34 13.01 12.55 16.74
C LEU C 34 12.96 11.61 15.56
N ALA C 35 13.10 10.32 15.84
CA ALA C 35 12.98 9.27 14.84
C ALA C 35 11.93 8.26 15.28
N TRP C 36 11.45 7.47 14.32
CA TRP C 36 10.55 6.36 14.57
C TRP C 36 11.17 5.09 14.05
N TYR C 37 11.09 4.02 14.85
CA TYR C 37 11.64 2.73 14.48
C TYR C 37 10.55 1.67 14.50
N GLN C 38 10.78 0.60 13.75
CA GLN C 38 9.90 -0.57 13.72
C GLN C 38 10.72 -1.81 13.99
N GLN C 39 10.24 -2.66 14.90
CA GLN C 39 10.94 -3.89 15.24
C GLN C 39 9.97 -5.06 15.16
N LYS C 40 10.34 -6.07 14.38
CA LYS C 40 9.65 -7.34 14.27
C LYS C 40 10.33 -8.38 15.15
N PRO C 41 9.64 -9.46 15.51
CA PRO C 41 10.22 -10.43 16.44
C PRO C 41 11.50 -11.05 15.89
N GLY C 42 12.52 -11.12 16.75
CA GLY C 42 13.80 -11.68 16.37
C GLY C 42 14.61 -10.84 15.41
N GLN C 43 14.26 -9.58 15.23
CA GLN C 43 14.96 -8.69 14.30
C GLN C 43 15.47 -7.46 15.03
N ALA C 44 16.33 -6.72 14.35
CA ALA C 44 16.83 -5.45 14.86
C ALA C 44 15.85 -4.33 14.53
N PRO C 45 15.92 -3.21 15.27
CA PRO C 45 15.07 -2.07 14.93
C PRO C 45 15.37 -1.54 13.54
N ARG C 46 14.32 -1.07 12.87
CA ARG C 46 14.42 -0.55 11.51
C ARG C 46 13.90 0.87 11.48
N LEU C 47 14.70 1.79 10.93
CA LEU C 47 14.34 3.19 10.90
C LEU C 47 13.21 3.42 9.89
N LEU C 48 12.15 4.08 10.34
CA LEU C 48 11.03 4.45 9.48
C LEU C 48 11.05 5.95 9.19
N ILE C 49 10.83 6.78 10.20
CA ILE C 49 10.76 8.23 10.04
C ILE C 49 11.82 8.86 10.92
N TYR C 50 12.47 9.91 10.41
CA TYR C 50 13.39 10.70 11.19
C TYR C 50 13.04 12.17 10.99
N GLY C 51 13.65 13.03 11.81
CA GLY C 51 13.39 14.46 11.76
C GLY C 51 11.92 14.79 11.87
N ALA C 52 11.18 13.97 12.63
CA ALA C 52 9.74 14.09 12.84
C ALA C 52 8.94 13.83 11.58
N SER C 53 9.37 14.37 10.43
CA SER C 53 8.63 14.26 9.18
C SER C 53 9.60 14.07 7.99
N SER C 54 10.44 13.04 8.07
CA SER C 54 11.29 12.64 6.96
C SER C 54 11.20 11.13 6.79
N ARG C 55 10.69 10.69 5.64
CA ARG C 55 10.63 9.27 5.35
C ARG C 55 12.03 8.75 5.03
N ALA C 56 12.42 7.67 5.70
CA ALA C 56 13.71 7.06 5.45
C ALA C 56 13.71 6.37 4.07
N THR C 57 14.87 5.84 3.71
CA THR C 57 15.03 5.23 2.39
C THR C 57 14.40 3.84 2.36
N GLY C 58 13.56 3.60 1.36
CA GLY C 58 12.89 2.34 1.21
C GLY C 58 11.58 2.21 1.96
N ILE C 59 11.33 3.08 2.93
CA ILE C 59 10.09 3.01 3.70
C ILE C 59 8.92 3.41 2.81
N PRO C 60 7.83 2.65 2.79
CA PRO C 60 6.69 3.00 1.94
C PRO C 60 6.11 4.36 2.31
N ASP C 61 5.46 4.98 1.32
CA ASP C 61 4.89 6.30 1.50
C ASP C 61 3.62 6.31 2.35
N ARG C 62 3.10 5.13 2.73
CA ARG C 62 1.99 5.10 3.66
C ARG C 62 2.41 5.46 5.07
N PHE C 63 3.71 5.41 5.36
CA PHE C 63 4.24 5.82 6.65
C PHE C 63 4.47 7.32 6.63
N SER C 64 3.83 8.04 7.56
CA SER C 64 3.96 9.48 7.66
C SER C 64 4.36 9.85 9.10
N GLY C 65 4.82 11.08 9.25
CA GLY C 65 5.22 11.56 10.56
C GLY C 65 4.96 13.04 10.76
N THR C 66 4.44 13.41 11.93
CA THR C 66 4.15 14.79 12.26
C THR C 66 4.52 15.04 13.72
N GLY C 67 4.30 16.28 14.16
CA GLY C 67 4.54 16.66 15.54
C GLY C 67 5.54 17.78 15.66
N SER C 68 5.58 18.36 16.86
CA SER C 68 6.50 19.45 17.17
C SER C 68 6.53 19.66 18.68
N GLY C 69 7.74 19.85 19.21
CA GLY C 69 7.91 20.16 20.62
C GLY C 69 7.80 18.96 21.55
N THR C 70 6.61 18.74 22.09
CA THR C 70 6.39 17.68 23.07
C THR C 70 5.49 16.56 22.57
N ASP C 71 4.74 16.78 21.50
CA ASP C 71 3.78 15.79 20.99
C ASP C 71 4.10 15.49 19.54
N PHE C 72 4.17 14.20 19.21
CA PHE C 72 4.50 13.76 17.86
C PHE C 72 3.63 12.57 17.49
N THR C 73 3.51 12.33 16.19
CA THR C 73 2.57 11.36 15.67
C THR C 73 3.21 10.55 14.54
N LEU C 74 2.97 9.24 14.56
CA LEU C 74 3.35 8.34 13.47
C LEU C 74 2.07 7.80 12.85
N THR C 75 1.78 8.24 11.64
CA THR C 75 0.53 7.91 10.96
C THR C 75 0.78 6.90 9.86
N ILE C 76 0.00 5.82 9.84
CA ILE C 76 0.02 4.82 8.79
C ILE C 76 -1.34 4.90 8.10
N SER C 77 -1.36 5.42 6.87
CA SER C 77 -2.63 5.66 6.18
C SER C 77 -3.44 4.38 6.02
N ARG C 78 -2.80 3.32 5.54
CA ARG C 78 -3.46 2.03 5.34
C ARG C 78 -2.56 0.94 5.91
N LEU C 79 -3.04 0.25 6.94
CA LEU C 79 -2.23 -0.75 7.62
C LEU C 79 -2.14 -2.02 6.78
N GLU C 80 -0.91 -2.43 6.49
CA GLU C 80 -0.61 -3.65 5.75
C GLU C 80 -0.23 -4.77 6.70
N PRO C 81 -0.37 -6.03 6.30
CA PRO C 81 -0.03 -7.14 7.20
C PRO C 81 1.42 -7.16 7.62
N GLU C 82 2.33 -6.63 6.79
CA GLU C 82 3.74 -6.58 7.17
C GLU C 82 4.05 -5.43 8.13
N ASP C 83 3.04 -4.67 8.55
CA ASP C 83 3.24 -3.52 9.42
C ASP C 83 2.84 -3.79 10.87
N PHE C 84 2.45 -5.04 11.20
CA PHE C 84 2.02 -5.37 12.55
C PHE C 84 3.25 -5.81 13.34
N ALA C 85 3.84 -4.87 14.05
CA ALA C 85 5.02 -5.11 14.87
C ALA C 85 5.04 -4.06 15.98
N VAL C 86 6.20 -3.90 16.62
CA VAL C 86 6.39 -2.93 17.69
C VAL C 86 7.06 -1.70 17.11
N TYR C 87 6.64 -0.52 17.56
CA TYR C 87 7.16 0.75 17.07
C TYR C 87 7.72 1.56 18.24
N TYR C 88 8.91 2.10 18.06
CA TYR C 88 9.59 2.91 19.07
C TYR C 88 9.87 4.30 18.53
N CYS C 89 9.96 5.28 19.43
CA CYS C 89 10.39 6.63 19.10
C CYS C 89 11.57 7.00 19.98
N GLN C 90 12.62 7.55 19.38
CA GLN C 90 13.82 7.94 20.09
C GLN C 90 14.17 9.37 19.74
N GLN C 91 14.43 10.18 20.77
CA GLN C 91 14.94 11.52 20.54
C GLN C 91 16.46 11.50 20.61
N TYR C 92 17.09 12.24 19.70
CA TYR C 92 18.53 12.34 19.66
C TYR C 92 18.93 13.81 19.60
N GLY C 93 20.24 14.06 19.62
CA GLY C 93 20.73 15.43 19.63
C GLY C 93 22.17 15.50 19.13
N THR C 94 22.61 16.74 18.93
CA THR C 94 23.98 16.96 18.47
C THR C 94 25.00 16.33 19.42
N SER C 95 24.74 16.41 20.71
CA SER C 95 25.64 15.92 21.75
C SER C 95 25.25 14.50 22.12
N PRO C 96 26.07 13.82 22.94
CA PRO C 96 25.76 12.43 23.27
C PRO C 96 24.66 12.25 24.31
N ARG C 97 24.49 13.24 25.19
CA ARG C 97 23.69 13.04 26.40
C ARG C 97 22.21 12.83 26.13
N MET C 98 21.73 13.14 24.94
CA MET C 98 20.30 13.32 24.74
C MET C 98 19.55 11.98 24.77
N TYR C 99 20.15 10.95 24.20
CA TYR C 99 19.38 9.87 23.60
C TYR C 99 18.53 9.13 24.63
N THR C 100 17.23 9.05 24.35
CA THR C 100 16.28 8.31 25.17
C THR C 100 15.21 7.71 24.27
N PHE C 101 14.68 6.56 24.69
CA PHE C 101 13.69 5.82 23.92
C PHE C 101 12.32 5.85 24.59
N GLY C 102 11.29 5.54 23.80
CA GLY C 102 9.97 5.30 24.35
C GLY C 102 9.77 3.83 24.68
N GLN C 103 8.68 3.54 25.40
CA GLN C 103 8.45 2.18 25.84
C GLN C 103 7.84 1.28 24.75
N GLY C 104 7.48 1.83 23.60
CA GLY C 104 7.04 1.02 22.49
C GLY C 104 5.53 0.89 22.42
N THR C 105 5.05 0.57 21.22
CA THR C 105 3.62 0.36 20.97
C THR C 105 3.46 -0.87 20.09
N LYS C 106 2.67 -1.83 20.55
CA LYS C 106 2.40 -3.04 19.79
C LYS C 106 1.17 -2.83 18.92
N VAL C 107 1.33 -3.00 17.60
CA VAL C 107 0.23 -2.92 16.66
C VAL C 107 -0.11 -4.34 16.24
N ASP C 108 -1.24 -4.85 16.72
CA ASP C 108 -1.67 -6.20 16.42
C ASP C 108 -2.93 -6.19 15.57
N ILE C 109 -3.12 -7.27 14.83
CA ILE C 109 -4.32 -7.43 14.00
C ILE C 109 -5.53 -7.55 14.91
N LYS C 110 -6.46 -6.61 14.80
CA LYS C 110 -7.59 -6.60 15.70
C LYS C 110 -8.49 -7.80 15.45
N ARG C 111 -9.28 -8.12 16.47
CA ARG C 111 -10.13 -9.31 16.49
C ARG C 111 -11.20 -9.08 17.53
N THR C 112 -12.22 -9.94 17.53
CA THR C 112 -13.17 -9.90 18.61
C THR C 112 -12.57 -10.56 19.85
N VAL C 113 -13.13 -10.21 21.01
CA VAL C 113 -12.61 -10.75 22.27
C VAL C 113 -12.80 -12.26 22.29
N ALA C 114 -11.71 -12.98 22.54
CA ALA C 114 -11.71 -14.43 22.58
C ALA C 114 -11.13 -14.90 23.90
N ALA C 115 -11.91 -15.69 24.64
CA ALA C 115 -11.46 -16.19 25.93
C ALA C 115 -10.53 -17.39 25.75
N PRO C 116 -9.52 -17.52 26.60
CA PRO C 116 -8.56 -18.63 26.46
C PRO C 116 -9.14 -19.96 26.92
N SER C 117 -8.70 -21.02 26.25
CA SER C 117 -8.94 -22.38 26.70
C SER C 117 -7.82 -22.78 27.66
N VAL C 118 -8.18 -23.04 28.91
CA VAL C 118 -7.21 -23.23 29.98
C VAL C 118 -6.98 -24.71 30.21
N PHE C 119 -5.72 -25.11 30.29
CA PHE C 119 -5.33 -26.48 30.59
C PHE C 119 -4.21 -26.45 31.62
N ILE C 120 -4.20 -27.43 32.52
CA ILE C 120 -3.16 -27.57 33.53
C ILE C 120 -2.52 -28.94 33.36
N PHE C 121 -1.20 -29.00 33.60
CA PHE C 121 -0.43 -30.21 33.39
C PHE C 121 0.36 -30.54 34.64
N PRO C 122 0.11 -31.67 35.29
CA PRO C 122 0.94 -32.07 36.43
C PRO C 122 2.35 -32.41 35.97
N PRO C 123 3.33 -32.37 36.87
CA PRO C 123 4.68 -32.79 36.49
C PRO C 123 4.73 -34.27 36.17
N SER C 124 5.46 -34.61 35.12
CA SER C 124 5.57 -36.00 34.70
C SER C 124 6.31 -36.82 35.75
N ASP C 125 5.95 -38.10 35.85
CA ASP C 125 6.65 -39.00 36.76
C ASP C 125 8.13 -39.12 36.43
N GLU C 126 8.52 -38.86 35.18
CA GLU C 126 9.92 -38.91 34.82
C GLU C 126 10.69 -37.74 35.41
N GLN C 127 10.09 -36.54 35.41
CA GLN C 127 10.77 -35.38 35.98
C GLN C 127 10.84 -35.47 37.50
N LEU C 128 9.82 -36.06 38.14
CA LEU C 128 9.84 -36.21 39.59
C LEU C 128 11.04 -37.03 40.04
N LYS C 129 11.50 -37.97 39.22
CA LYS C 129 12.71 -38.72 39.53
C LYS C 129 13.92 -37.80 39.67
N SER C 130 13.91 -36.66 38.99
CA SER C 130 15.05 -35.75 39.00
C SER C 130 15.07 -34.83 40.20
N GLY C 131 14.02 -34.84 41.03
CA GLY C 131 13.97 -34.00 42.21
C GLY C 131 13.37 -32.63 42.01
N THR C 132 12.74 -32.38 40.86
CA THR C 132 12.11 -31.09 40.58
C THR C 132 10.74 -31.34 39.96
N ALA C 133 9.78 -30.50 40.31
CA ALA C 133 8.43 -30.56 39.76
C ALA C 133 8.12 -29.30 39.00
N SER C 134 7.52 -29.46 37.82
CA SER C 134 7.14 -28.33 36.96
C SER C 134 5.68 -28.49 36.57
N VAL C 135 4.83 -27.61 37.07
CA VAL C 135 3.41 -27.60 36.75
C VAL C 135 3.17 -26.53 35.70
N VAL C 136 2.44 -26.86 34.65
CA VAL C 136 2.26 -26.00 33.50
C VAL C 136 0.79 -25.63 33.35
N CYS C 137 0.54 -24.37 33.00
CA CYS C 137 -0.80 -23.84 32.77
C CYS C 137 -0.84 -23.22 31.38
N LEU C 138 -1.66 -23.78 30.50
CA LEU C 138 -1.76 -23.31 29.12
C LEU C 138 -2.98 -22.44 28.94
N LEU C 139 -2.77 -21.24 28.41
CA LEU C 139 -3.84 -20.34 27.99
C LEU C 139 -3.81 -20.31 26.47
N ASN C 140 -4.78 -20.98 25.84
CA ASN C 140 -4.73 -21.28 24.41
C ASN C 140 -5.64 -20.35 23.63
N ASN C 141 -5.07 -19.66 22.64
CA ASN C 141 -5.81 -18.89 21.65
C ASN C 141 -6.77 -17.90 22.28
N PHE C 142 -6.25 -16.72 22.66
CA PHE C 142 -7.08 -15.69 23.26
C PHE C 142 -6.72 -14.34 22.67
N TYR C 143 -7.61 -13.37 22.90
CA TYR C 143 -7.46 -12.00 22.43
C TYR C 143 -8.34 -11.08 23.25
N PRO C 144 -7.84 -9.91 23.71
CA PRO C 144 -6.51 -9.34 23.46
C PRO C 144 -5.37 -10.07 24.17
N ARG C 145 -4.15 -9.56 24.00
CA ARG C 145 -2.97 -10.25 24.52
C ARG C 145 -2.94 -10.27 26.05
N GLU C 146 -3.49 -9.23 26.68
CA GLU C 146 -3.38 -9.11 28.14
C GLU C 146 -4.09 -10.25 28.84
N ALA C 147 -3.38 -10.93 29.74
CA ALA C 147 -3.93 -12.03 30.52
C ALA C 147 -3.21 -12.11 31.86
N LYS C 148 -3.86 -12.74 32.83
CA LYS C 148 -3.35 -12.84 34.19
C LYS C 148 -3.43 -14.29 34.64
N VAL C 149 -2.32 -14.80 35.18
CA VAL C 149 -2.23 -16.17 35.69
C VAL C 149 -1.74 -16.12 37.12
N GLN C 150 -2.46 -16.79 38.01
CA GLN C 150 -2.10 -16.89 39.42
C GLN C 150 -2.10 -18.36 39.83
N TRP C 151 -1.03 -18.80 40.49
CA TRP C 151 -0.89 -20.16 40.95
C TRP C 151 -1.32 -20.27 42.40
N LYS C 152 -2.17 -21.26 42.70
CA LYS C 152 -2.64 -21.51 44.06
C LYS C 152 -2.38 -22.97 44.39
N VAL C 153 -1.64 -23.19 45.49
CA VAL C 153 -1.26 -24.54 45.92
C VAL C 153 -1.89 -24.75 47.30
N ASP C 154 -2.91 -25.60 47.35
CA ASP C 154 -3.74 -25.76 48.54
C ASP C 154 -4.28 -24.40 49.00
N ASN C 155 -4.86 -23.66 48.05
CA ASN C 155 -5.48 -22.35 48.23
C ASN C 155 -4.48 -21.28 48.61
N ALA C 156 -3.18 -21.55 48.51
CA ALA C 156 -2.14 -20.57 48.84
C ALA C 156 -1.61 -19.97 47.54
N LEU C 157 -1.89 -18.68 47.34
CA LEU C 157 -1.43 -17.98 46.15
C LEU C 157 0.09 -17.96 46.11
N GLN C 158 0.65 -18.40 44.98
CA GLN C 158 2.10 -18.44 44.80
C GLN C 158 2.62 -17.13 44.21
N SER C 159 3.89 -16.84 44.47
CA SER C 159 4.51 -15.63 43.97
C SER C 159 6.02 -15.84 43.91
N GLY C 160 6.63 -15.40 42.82
CA GLY C 160 8.07 -15.46 42.67
C GLY C 160 8.63 -16.81 42.27
N ASN C 161 7.77 -17.78 41.94
CA ASN C 161 8.23 -19.12 41.55
C ASN C 161 7.56 -19.56 40.26
N SER C 162 7.22 -18.62 39.38
CA SER C 162 6.59 -18.93 38.11
C SER C 162 7.16 -18.01 37.03
N GLN C 163 7.10 -18.49 35.79
CA GLN C 163 7.58 -17.74 34.64
C GLN C 163 6.61 -17.93 33.48
N GLU C 164 6.42 -16.88 32.69
CA GLU C 164 5.47 -16.90 31.59
C GLU C 164 6.17 -16.75 30.25
N SER C 165 5.45 -17.12 29.20
CA SER C 165 5.91 -16.99 27.83
C SER C 165 4.69 -16.83 26.92
N VAL C 166 4.73 -15.83 26.05
CA VAL C 166 3.62 -15.51 25.16
CA VAL C 166 3.62 -15.51 25.16
C VAL C 166 4.08 -15.66 23.72
N THR C 167 3.28 -16.33 22.91
CA THR C 167 3.58 -16.51 21.50
C THR C 167 3.20 -15.24 20.72
N GLU C 168 3.68 -15.17 19.49
CA GLU C 168 3.28 -14.08 18.60
C GLU C 168 1.82 -14.26 18.19
N GLN C 169 1.24 -13.18 17.70
CA GLN C 169 -0.14 -13.24 17.23
C GLN C 169 -0.25 -14.20 16.06
N ASP C 170 -1.21 -15.13 16.16
CA ASP C 170 -1.33 -16.18 15.16
C ASP C 170 -1.70 -15.60 13.80
N SER C 171 -1.09 -16.15 12.75
CA SER C 171 -1.29 -15.65 11.39
C SER C 171 -2.62 -16.08 10.79
N LYS C 172 -3.36 -16.96 11.45
CA LYS C 172 -4.62 -17.49 10.92
C LYS C 172 -5.84 -17.06 11.72
N ASP C 173 -5.78 -17.06 13.04
CA ASP C 173 -6.90 -16.63 13.86
C ASP C 173 -6.60 -15.39 14.68
N SER C 174 -5.39 -14.83 14.55
CA SER C 174 -5.04 -13.55 15.18
C SER C 174 -5.18 -13.58 16.69
N THR C 175 -4.88 -14.71 17.32
CA THR C 175 -4.95 -14.85 18.76
C THR C 175 -3.59 -15.14 19.35
N TYR C 176 -3.48 -14.98 20.66
CA TYR C 176 -2.26 -15.25 21.41
C TYR C 176 -2.43 -16.48 22.30
N SER C 177 -1.30 -17.06 22.69
CA SER C 177 -1.29 -18.19 23.60
C SER C 177 -0.22 -17.97 24.66
N LEU C 178 -0.55 -18.29 25.91
CA LEU C 178 0.33 -18.07 27.04
C LEU C 178 0.67 -19.39 27.72
N SER C 179 1.89 -19.47 28.23
CA SER C 179 2.37 -20.63 28.97
C SER C 179 3.06 -20.16 30.24
N SER C 180 2.53 -20.58 31.39
CA SER C 180 3.11 -20.27 32.69
C SER C 180 3.55 -21.55 33.37
N THR C 181 4.74 -21.52 33.95
CA THR C 181 5.37 -22.70 34.53
C THR C 181 5.65 -22.46 36.00
N LEU C 182 5.02 -23.23 36.87
CA LEU C 182 5.30 -23.19 38.30
C LEU C 182 6.38 -24.23 38.61
N THR C 183 7.42 -23.80 39.32
CA THR C 183 8.58 -24.64 39.60
C THR C 183 8.72 -24.82 41.11
N LEU C 184 8.51 -26.04 41.58
CA LEU C 184 8.73 -26.40 42.97
C LEU C 184 9.70 -27.57 43.05
N SER C 185 10.35 -27.70 44.20
CA SER C 185 11.15 -28.89 44.45
C SER C 185 10.24 -30.09 44.68
N LYS C 186 10.80 -31.28 44.49
CA LYS C 186 10.03 -32.51 44.66
C LYS C 186 9.53 -32.66 46.10
N ALA C 187 10.34 -32.23 47.07
CA ALA C 187 9.92 -32.27 48.47
C ALA C 187 8.73 -31.35 48.72
N ASP C 188 8.86 -30.09 48.28
CA ASP C 188 7.77 -29.13 48.43
C ASP C 188 6.53 -29.52 47.62
N TYR C 189 6.69 -30.30 46.56
CA TYR C 189 5.55 -30.68 45.73
C TYR C 189 4.65 -31.70 46.43
N GLU C 190 5.25 -32.65 47.14
CA GLU C 190 4.50 -33.72 47.79
C GLU C 190 3.88 -33.29 49.12
N LYS C 191 4.22 -32.10 49.62
CA LYS C 191 3.64 -31.60 50.86
C LYS C 191 2.23 -31.04 50.67
N HIS C 192 1.79 -30.83 49.43
CA HIS C 192 0.48 -30.29 49.13
C HIS C 192 -0.27 -31.24 48.20
N LYS C 193 -1.55 -30.96 47.98
CA LYS C 193 -2.41 -31.89 47.24
C LYS C 193 -3.11 -31.27 46.05
N VAL C 194 -3.65 -30.06 46.17
CA VAL C 194 -4.42 -29.42 45.10
C VAL C 194 -3.56 -28.34 44.47
N TYR C 195 -3.38 -28.42 43.15
CA TYR C 195 -2.62 -27.44 42.38
C TYR C 195 -3.53 -26.88 41.30
N ALA C 196 -3.62 -25.55 41.24
CA ALA C 196 -4.53 -24.89 40.32
C ALA C 196 -3.94 -23.57 39.86
N CYS C 197 -4.31 -23.16 38.64
CA CYS C 197 -3.93 -21.86 38.10
CA CYS C 197 -3.93 -21.86 38.10
C CYS C 197 -5.21 -21.09 37.74
N GLU C 198 -5.31 -19.87 38.28
CA GLU C 198 -6.48 -19.03 38.05
C GLU C 198 -6.18 -18.07 36.91
N VAL C 199 -7.01 -18.13 35.88
CA VAL C 199 -6.84 -17.31 34.68
C VAL C 199 -7.85 -16.17 34.71
N THR C 200 -7.36 -14.94 34.56
CA THR C 200 -8.20 -13.76 34.47
C THR C 200 -8.01 -13.14 33.09
N HIS C 201 -9.11 -12.94 32.37
CA HIS C 201 -9.05 -12.41 31.01
C HIS C 201 -10.32 -11.64 30.72
N GLN C 202 -10.22 -10.74 29.74
CA GLN C 202 -11.36 -9.91 29.34
C GLN C 202 -12.51 -10.76 28.80
N GLY C 203 -12.19 -11.85 28.10
CA GLY C 203 -13.22 -12.70 27.53
C GLY C 203 -13.96 -13.54 28.54
N LEU C 204 -13.42 -13.67 29.75
CA LEU C 204 -14.05 -14.46 30.80
C LEU C 204 -14.89 -13.57 31.69
N SER C 205 -16.16 -13.91 31.84
CA SER C 205 -17.04 -13.16 32.74
C SER C 205 -16.58 -13.25 34.19
N SER C 206 -15.76 -14.24 34.52
CA SER C 206 -15.20 -14.38 35.85
C SER C 206 -13.96 -15.28 35.74
N PRO C 207 -13.02 -15.17 36.68
CA PRO C 207 -11.78 -15.95 36.56
C PRO C 207 -12.03 -17.45 36.56
N VAL C 208 -11.43 -18.14 35.59
CA VAL C 208 -11.55 -19.58 35.42
C VAL C 208 -10.40 -20.26 36.13
N THR C 209 -10.69 -21.35 36.85
CA THR C 209 -9.69 -22.11 37.58
C THR C 209 -9.68 -23.54 37.06
N LYS C 210 -8.49 -24.04 36.75
CA LYS C 210 -8.28 -25.42 36.34
C LYS C 210 -7.31 -26.07 37.30
N SER C 211 -7.73 -27.17 37.92
CA SER C 211 -6.97 -27.80 38.99
C SER C 211 -6.80 -29.29 38.72
N PHE C 212 -5.91 -29.90 39.50
CA PHE C 212 -5.76 -31.35 39.53
C PHE C 212 -5.37 -31.75 40.94
N ASN C 213 -5.69 -32.99 41.29
CA ASN C 213 -5.36 -33.55 42.60
C ASN C 213 -4.08 -34.38 42.48
N ARG C 214 -3.08 -34.05 43.29
CA ARG C 214 -1.79 -34.71 43.24
C ARG C 214 -1.92 -36.22 43.44
N GLY C 215 -2.05 -36.96 42.33
CA GLY C 215 -2.22 -38.39 42.39
C GLY C 215 -3.32 -38.91 41.49
N GLU C 216 -4.56 -38.66 41.88
CA GLU C 216 -5.72 -39.12 41.11
C GLU C 216 -5.79 -38.44 39.75
N GLN D 3 26.18 1.74 8.80
CA GLN D 3 26.96 0.69 8.16
C GLN D 3 28.14 0.41 9.06
N LEU D 4 27.93 0.59 10.35
CA LEU D 4 28.93 0.20 11.32
C LEU D 4 29.02 -1.32 11.39
N VAL D 5 30.20 -1.81 11.76
CA VAL D 5 30.46 -3.24 11.84
C VAL D 5 30.96 -3.56 13.24
N GLN D 6 30.21 -4.41 13.95
CA GLN D 6 30.51 -4.77 15.32
C GLN D 6 31.19 -6.14 15.40
N SER D 7 31.79 -6.41 16.54
CA SER D 7 32.47 -7.68 16.77
C SER D 7 31.45 -8.80 16.99
N GLY D 8 31.95 -10.04 16.99
CA GLY D 8 31.09 -11.20 17.05
C GLY D 8 30.46 -11.40 18.42
N ALA D 9 29.57 -12.39 18.47
CA ALA D 9 28.84 -12.70 19.69
C ALA D 9 29.78 -13.16 20.81
N GLU D 10 29.38 -12.90 22.04
CA GLU D 10 30.19 -13.19 23.21
C GLU D 10 29.42 -14.04 24.20
N VAL D 11 30.14 -14.85 24.95
CA VAL D 11 29.59 -15.66 26.03
C VAL D 11 30.47 -15.46 27.26
N LYS D 12 29.87 -14.99 28.35
CA LYS D 12 30.62 -14.60 29.53
C LYS D 12 30.01 -15.21 30.78
N LYS D 13 30.85 -15.41 31.81
CA LYS D 13 30.42 -15.82 33.14
C LYS D 13 30.05 -14.60 33.97
N PRO D 14 29.18 -14.77 34.97
CA PRO D 14 28.83 -13.63 35.83
C PRO D 14 30.06 -13.07 36.54
N GLY D 15 30.09 -11.74 36.67
CA GLY D 15 31.20 -11.05 37.27
C GLY D 15 32.33 -10.71 36.32
N SER D 16 32.33 -11.26 35.11
CA SER D 16 33.39 -11.00 34.14
C SER D 16 33.10 -9.71 33.40
N SER D 17 33.90 -9.42 32.37
CA SER D 17 33.75 -8.22 31.56
C SER D 17 33.71 -8.60 30.09
N VAL D 18 33.09 -7.71 29.30
CA VAL D 18 33.01 -7.89 27.86
C VAL D 18 33.28 -6.54 27.21
N LYS D 19 34.00 -6.57 26.08
CA LYS D 19 34.33 -5.36 25.33
C LYS D 19 33.93 -5.56 23.89
N VAL D 20 33.00 -4.73 23.42
CA VAL D 20 32.43 -4.83 22.08
C VAL D 20 32.97 -3.69 21.23
N SER D 21 33.42 -4.00 20.03
CA SER D 21 33.98 -3.01 19.11
C SER D 21 32.94 -2.60 18.08
N CYS D 22 33.19 -1.44 17.46
CA CYS D 22 32.27 -0.85 16.49
C CYS D 22 33.11 -0.03 15.51
N LYS D 23 33.45 -0.64 14.38
CA LYS D 23 34.37 -0.03 13.43
C LYS D 23 33.60 0.85 12.45
N ALA D 24 33.97 2.14 12.39
CA ALA D 24 33.33 3.07 11.47
C ALA D 24 33.86 2.89 10.06
N SER D 25 32.95 2.94 9.09
CA SER D 25 33.32 2.85 7.68
C SER D 25 34.28 3.97 7.29
N ARG D 26 35.58 3.65 7.22
CA ARG D 26 36.64 4.60 6.91
C ARG D 26 36.73 5.71 7.95
N GLY D 27 37.43 6.78 7.64
CA GLY D 27 37.72 7.82 8.61
C GLY D 27 36.66 8.90 8.75
N THR D 28 35.41 8.51 8.95
CA THR D 28 34.29 9.40 9.20
C THR D 28 34.19 9.83 10.67
N PHE D 29 35.25 9.55 11.43
CA PHE D 29 35.13 9.42 12.88
C PHE D 29 34.68 10.71 13.53
N ASN D 30 35.48 11.77 13.37
CA ASN D 30 35.44 12.88 14.32
C ASN D 30 34.10 13.62 14.28
N THR D 31 33.51 13.76 13.09
CA THR D 31 32.26 14.49 12.97
C THR D 31 31.09 13.79 13.66
N TYR D 32 31.36 12.67 14.30
CA TYR D 32 30.30 11.81 14.77
C TYR D 32 30.25 11.74 16.29
N VAL D 33 29.08 11.42 16.79
CA VAL D 33 28.89 10.95 18.16
C VAL D 33 28.40 9.51 18.09
N PHE D 34 29.07 8.61 18.80
CA PHE D 34 28.73 7.20 18.79
C PHE D 34 28.11 6.81 20.13
N THR D 35 26.97 6.14 20.08
CA THR D 35 26.25 5.74 21.27
C THR D 35 25.99 4.24 21.24
N TRP D 36 25.76 3.67 22.42
CA TRP D 36 25.56 2.24 22.59
C TRP D 36 24.18 2.00 23.18
N VAL D 37 23.39 1.19 22.49
CA VAL D 37 22.03 0.85 22.91
C VAL D 37 21.91 -0.66 22.95
N ARG D 38 21.34 -1.18 24.03
CA ARG D 38 21.18 -2.62 24.19
C ARG D 38 19.70 -2.98 24.25
N GLN D 39 19.42 -4.26 24.01
CA GLN D 39 18.05 -4.75 23.95
C GLN D 39 18.03 -6.20 24.41
N ALA D 40 17.45 -6.44 25.59
CA ALA D 40 17.29 -7.79 26.09
C ALA D 40 16.29 -8.56 25.23
N PRO D 41 16.39 -9.90 25.20
CA PRO D 41 15.47 -10.69 24.35
C PRO D 41 13.99 -10.40 24.61
N GLY D 42 13.30 -9.92 23.58
CA GLY D 42 11.89 -9.62 23.69
C GLY D 42 11.55 -8.33 24.40
N GLN D 43 12.55 -7.53 24.77
CA GLN D 43 12.34 -6.31 25.51
C GLN D 43 12.59 -5.09 24.62
N GLY D 44 12.55 -3.90 25.23
CA GLY D 44 12.73 -2.65 24.51
C GLY D 44 14.17 -2.24 24.38
N LEU D 45 14.37 -0.97 24.03
CA LEU D 45 15.69 -0.42 23.79
C LEU D 45 16.13 0.45 24.97
N GLU D 46 17.40 0.34 25.32
CA GLU D 46 17.96 1.02 26.49
C GLU D 46 19.27 1.67 26.12
N TRP D 47 19.38 2.98 26.34
CA TRP D 47 20.60 3.71 26.04
C TRP D 47 21.60 3.55 27.18
N MET D 48 22.84 3.25 26.84
CA MET D 48 23.89 3.04 27.82
C MET D 48 24.84 4.23 27.95
N GLY D 49 25.23 4.83 26.84
CA GLY D 49 26.14 5.96 26.89
C GLY D 49 26.56 6.36 25.49
N GLY D 50 27.40 7.39 25.45
CA GLY D 50 27.91 7.91 24.19
C GLY D 50 29.29 8.50 24.37
N ILE D 51 29.93 8.80 23.24
CA ILE D 51 31.26 9.39 23.24
C ILE D 51 31.40 10.28 22.01
N ILE D 52 32.13 11.38 22.17
CA ILE D 52 32.50 12.22 21.04
C ILE D 52 33.96 11.90 20.70
N PRO D 53 34.22 11.16 19.62
CA PRO D 53 35.59 10.70 19.34
C PRO D 53 36.64 11.79 19.30
N PHE D 54 36.39 12.89 18.59
CA PHE D 54 37.41 13.92 18.41
C PHE D 54 37.86 14.55 19.73
N PHE D 55 37.08 14.40 20.80
CA PHE D 55 37.43 14.95 22.09
C PHE D 55 37.62 13.90 23.19
N GLY D 56 37.21 12.65 22.95
CA GLY D 56 37.29 11.64 23.99
C GLY D 56 36.33 11.82 25.13
N THR D 57 35.38 12.75 25.03
CA THR D 57 34.41 12.98 26.08
C THR D 57 33.29 11.97 25.99
N ALA D 58 33.04 11.26 27.09
CA ALA D 58 32.04 10.21 27.13
C ALA D 58 31.04 10.50 28.25
N ASP D 59 29.77 10.16 27.99
CA ASP D 59 28.71 10.28 28.99
C ASP D 59 27.97 8.96 29.07
N TYR D 60 27.31 8.75 30.21
CA TYR D 60 26.70 7.45 30.51
C TYR D 60 25.36 7.65 31.20
N ALA D 61 24.53 6.62 31.13
CA ALA D 61 23.30 6.57 31.91
C ALA D 61 23.63 6.18 33.34
N GLN D 62 22.94 6.81 34.30
CA GLN D 62 23.29 6.61 35.70
C GLN D 62 23.09 5.17 36.14
N LYS D 63 22.13 4.46 35.52
CA LYS D 63 21.94 3.05 35.84
C LYS D 63 23.19 2.23 35.53
N PHE D 64 24.00 2.68 34.57
CA PHE D 64 25.21 1.97 34.17
C PHE D 64 26.49 2.65 34.62
N GLN D 65 26.42 3.84 35.23
CA GLN D 65 27.63 4.59 35.56
C GLN D 65 28.52 3.78 36.49
N GLY D 66 29.77 3.61 36.07
CA GLY D 66 30.71 2.74 36.77
C GLY D 66 30.94 1.44 36.02
N ARG D 67 29.85 0.73 35.70
CA ARG D 67 29.97 -0.58 35.07
C ARG D 67 30.39 -0.50 33.60
N VAL D 68 30.06 0.59 32.90
CA VAL D 68 30.32 0.71 31.47
C VAL D 68 31.40 1.75 31.24
N THR D 69 32.32 1.43 30.32
CA THR D 69 33.36 2.36 29.88
C THR D 69 33.37 2.36 28.36
N ILE D 70 33.18 3.54 27.77
CA ILE D 70 33.13 3.71 26.33
C ILE D 70 34.36 4.49 25.89
N THR D 71 35.14 3.89 25.00
CA THR D 71 36.36 4.50 24.46
C THR D 71 36.26 4.58 22.94
N ALA D 72 37.29 5.13 22.33
CA ALA D 72 37.31 5.32 20.88
C ALA D 72 38.74 5.51 20.41
N ASP D 73 39.02 5.03 19.20
CA ASP D 73 40.34 5.15 18.58
C ASP D 73 40.13 5.79 17.21
N ASP D 74 40.60 7.03 17.06
CA ASP D 74 40.42 7.76 15.81
C ASP D 74 41.23 7.15 14.68
N SER D 75 42.37 6.52 15.00
CA SER D 75 43.23 6.01 13.95
C SER D 75 42.62 4.81 13.22
N THR D 76 41.78 4.03 13.90
CA THR D 76 41.21 2.84 13.29
C THR D 76 39.73 2.97 13.02
N SER D 77 39.13 4.13 13.33
CA SER D 77 37.70 4.38 13.13
C SER D 77 36.86 3.34 13.88
N THR D 78 37.21 3.13 15.16
CA THR D 78 36.52 2.14 15.99
C THR D 78 36.15 2.73 17.34
N ALA D 79 34.91 2.47 17.77
CA ALA D 79 34.45 2.77 19.12
C ALA D 79 34.32 1.47 19.91
N TYR D 80 34.41 1.60 21.23
CA TYR D 80 34.40 0.44 22.12
C TYR D 80 33.45 0.68 23.28
N MET D 81 32.84 -0.40 23.75
CA MET D 81 32.00 -0.41 24.94
C MET D 81 32.40 -1.59 25.79
N GLU D 82 32.89 -1.33 27.00
CA GLU D 82 33.26 -2.37 27.95
C GLU D 82 32.27 -2.36 29.10
N LEU D 83 31.66 -3.52 29.36
CA LEU D 83 30.70 -3.68 30.45
C LEU D 83 31.26 -4.70 31.43
N SER D 84 31.54 -4.27 32.65
CA SER D 84 32.15 -5.13 33.66
C SER D 84 31.12 -5.56 34.69
N SER D 85 31.54 -6.49 35.55
CA SER D 85 30.69 -7.07 36.59
C SER D 85 29.36 -7.56 36.00
N LEU D 86 29.49 -8.42 34.99
CA LEU D 86 28.32 -8.86 34.24
C LEU D 86 27.42 -9.73 35.09
N ARG D 87 26.11 -9.57 34.91
CA ARG D 87 25.09 -10.37 35.56
C ARG D 87 24.19 -10.98 34.50
N SER D 88 23.35 -11.94 34.92
CA SER D 88 22.46 -12.60 33.98
C SER D 88 21.53 -11.62 33.29
N GLU D 89 21.17 -10.52 33.96
CA GLU D 89 20.28 -9.52 33.38
C GLU D 89 20.95 -8.74 32.26
N ASP D 90 22.26 -8.86 32.08
CA ASP D 90 22.97 -8.17 31.01
C ASP D 90 22.93 -8.92 29.69
N THR D 91 22.28 -10.08 29.64
CA THR D 91 22.13 -10.81 28.39
C THR D 91 21.24 -10.01 27.44
N ALA D 92 21.80 -9.56 26.32
CA ALA D 92 21.09 -8.69 25.40
C ALA D 92 21.89 -8.60 24.11
N VAL D 93 21.27 -7.98 23.10
CA VAL D 93 21.95 -7.59 21.88
C VAL D 93 22.36 -6.13 22.01
N TYR D 94 23.65 -5.86 21.81
CA TYR D 94 24.21 -4.52 22.02
C TYR D 94 24.46 -3.88 20.67
N TYR D 95 23.95 -2.66 20.50
CA TYR D 95 24.06 -1.91 19.24
C TYR D 95 24.91 -0.68 19.44
N CYS D 96 25.73 -0.37 18.44
CA CYS D 96 26.34 0.95 18.33
C CYS D 96 25.62 1.73 17.25
N SER D 97 25.47 3.03 17.50
CA SER D 97 24.77 3.89 16.57
C SER D 97 25.44 5.26 16.61
N ARG D 98 25.22 6.04 15.56
CA ARG D 98 25.91 7.31 15.39
C ARG D 98 24.98 8.36 14.81
N LEU D 99 25.52 9.57 14.66
CA LEU D 99 24.87 10.71 14.03
C LEU D 99 25.83 11.26 12.97
N SER D 100 25.50 12.42 12.39
CA SER D 100 26.42 13.07 11.48
C SER D 100 26.35 14.57 11.68
N GLN D 101 27.48 15.23 11.45
CA GLN D 101 27.54 16.66 11.68
C GLN D 101 26.66 17.41 10.69
N TRP D 102 26.58 16.92 9.46
CA TRP D 102 25.95 17.68 8.38
C TRP D 102 24.68 17.03 7.86
N ASP D 103 24.21 15.97 8.50
CA ASP D 103 22.86 15.47 8.28
C ASP D 103 22.35 14.91 9.60
N LEU D 104 21.04 14.74 9.70
CA LEU D 104 20.44 14.04 10.81
C LEU D 104 19.99 12.69 10.28
N LEU D 105 20.75 11.65 10.62
CA LEU D 105 20.47 10.32 10.16
C LEU D 105 21.09 9.33 11.12
N PRO D 106 20.34 8.34 11.57
CA PRO D 106 20.90 7.37 12.52
C PRO D 106 21.45 6.12 11.87
N MET D 107 22.77 5.99 11.80
CA MET D 107 23.39 4.76 11.34
C MET D 107 23.51 3.78 12.51
N TRP D 108 23.21 2.51 12.26
CA TRP D 108 23.22 1.48 13.28
C TRP D 108 24.13 0.34 12.86
N GLY D 109 24.80 -0.25 13.84
CA GLY D 109 25.53 -1.48 13.60
C GLY D 109 24.58 -2.67 13.54
N GLN D 110 25.15 -3.83 13.19
CA GLN D 110 24.34 -5.04 13.08
C GLN D 110 23.99 -5.65 14.44
N GLY D 111 24.65 -5.22 15.51
CA GLY D 111 24.33 -5.75 16.84
C GLY D 111 25.24 -6.90 17.23
N THR D 112 25.46 -7.00 18.54
CA THR D 112 26.30 -8.06 19.11
C THR D 112 25.55 -8.73 20.24
N LEU D 113 25.39 -10.04 20.15
CA LEU D 113 24.72 -10.81 21.19
C LEU D 113 25.72 -11.17 22.28
N VAL D 114 25.40 -10.77 23.52
CA VAL D 114 26.24 -11.09 24.68
C VAL D 114 25.38 -11.88 25.65
N THR D 115 25.78 -13.12 25.92
CA THR D 115 25.08 -13.99 26.84
C THR D 115 25.91 -14.15 28.11
N VAL D 116 25.32 -13.80 29.24
CA VAL D 116 25.99 -13.90 30.53
C VAL D 116 25.29 -14.99 31.33
N SER D 117 25.90 -16.18 31.35
CA SER D 117 25.42 -17.30 32.13
C SER D 117 26.54 -18.33 32.18
N SER D 118 26.37 -19.34 33.03
CA SER D 118 27.31 -20.44 33.07
C SER D 118 27.44 -21.04 31.67
N ALA D 119 28.60 -20.86 31.06
CA ALA D 119 28.82 -21.30 29.68
C ALA D 119 29.22 -22.76 29.66
N SER D 120 28.29 -23.62 29.29
CA SER D 120 28.56 -25.00 28.90
C SER D 120 27.88 -25.25 27.57
N THR D 121 28.07 -26.44 27.03
CA THR D 121 27.28 -26.88 25.88
C THR D 121 26.61 -28.18 26.29
N LYS D 122 25.31 -28.10 26.62
CA LYS D 122 24.60 -29.24 27.16
C LYS D 122 23.25 -29.38 26.47
N GLY D 123 22.70 -30.58 26.55
CA GLY D 123 21.45 -30.90 25.90
C GLY D 123 20.28 -30.77 26.85
N PRO D 124 19.09 -30.61 26.30
CA PRO D 124 17.90 -30.43 27.13
C PRO D 124 17.31 -31.75 27.60
N SER D 125 16.68 -31.70 28.76
CA SER D 125 15.87 -32.80 29.26
C SER D 125 14.42 -32.57 28.85
N VAL D 126 13.83 -33.54 28.17
CA VAL D 126 12.49 -33.41 27.61
C VAL D 126 11.53 -34.22 28.47
N PHE D 127 10.57 -33.52 29.10
CA PHE D 127 9.56 -34.16 29.92
C PHE D 127 8.18 -33.99 29.30
N PRO D 128 7.32 -35.00 29.40
CA PRO D 128 6.00 -34.91 28.75
C PRO D 128 5.00 -34.12 29.57
N LEU D 129 4.17 -33.34 28.87
CA LEU D 129 3.03 -32.65 29.46
C LEU D 129 1.79 -33.47 29.11
N ALA D 130 1.41 -34.37 30.02
CA ALA D 130 0.39 -35.36 29.72
C ALA D 130 -1.00 -34.73 29.71
N PRO D 131 -1.87 -35.14 28.80
CA PRO D 131 -3.23 -34.58 28.77
C PRO D 131 -4.06 -35.04 29.95
N SER D 132 -4.91 -34.15 30.43
CA SER D 132 -5.73 -34.46 31.60
C SER D 132 -6.76 -35.53 31.27
N SER D 133 -7.12 -36.31 32.30
CA SER D 133 -8.10 -37.37 32.15
C SER D 133 -9.50 -36.87 32.47
N GLY D 139 -14.30 -31.61 24.60
CA GLY D 139 -14.13 -32.31 23.35
C GLY D 139 -12.70 -32.26 22.84
N THR D 140 -11.96 -31.26 23.28
CA THR D 140 -10.56 -31.08 22.88
C THR D 140 -9.68 -31.08 24.13
N ALA D 141 -8.52 -31.72 24.01
CA ALA D 141 -7.55 -31.79 25.09
C ALA D 141 -6.22 -31.21 24.62
N ALA D 142 -5.39 -30.85 25.59
CA ALA D 142 -4.07 -30.30 25.31
C ALA D 142 -2.99 -31.22 25.86
N LEU D 143 -1.85 -31.24 25.17
CA LEU D 143 -0.69 -32.00 25.59
C LEU D 143 0.54 -31.32 25.01
N GLY D 144 1.72 -31.69 25.52
CA GLY D 144 2.93 -31.08 25.03
C GLY D 144 4.16 -31.68 25.66
N CYS D 145 5.29 -30.98 25.46
CA CYS D 145 6.58 -31.39 25.97
C CYS D 145 7.25 -30.23 26.67
N LEU D 146 8.08 -30.55 27.66
CA LEU D 146 8.82 -29.55 28.44
C LEU D 146 10.31 -29.71 28.12
N VAL D 147 10.82 -28.80 27.29
CA VAL D 147 12.23 -28.81 26.91
C VAL D 147 12.96 -27.94 27.92
N LYS D 148 13.57 -28.58 28.92
CA LYS D 148 14.10 -27.89 30.08
C LYS D 148 15.61 -28.03 30.18
N ASP D 149 16.27 -26.96 30.63
CA ASP D 149 17.68 -26.96 30.98
C ASP D 149 18.57 -27.32 29.80
N TYR D 150 18.77 -26.36 28.89
CA TYR D 150 19.72 -26.52 27.80
C TYR D 150 20.46 -25.20 27.59
N PHE D 151 21.57 -25.27 26.85
CA PHE D 151 22.36 -24.09 26.53
C PHE D 151 23.29 -24.46 25.39
N PRO D 152 23.47 -23.59 24.39
CA PRO D 152 22.77 -22.32 24.28
C PRO D 152 21.51 -22.40 23.42
N GLU D 153 20.98 -21.25 23.05
CA GLU D 153 19.90 -21.19 22.09
C GLU D 153 20.40 -21.59 20.70
N PRO D 154 19.53 -22.12 19.84
CA PRO D 154 18.14 -22.49 20.13
C PRO D 154 17.88 -23.99 20.09
N VAL D 155 16.63 -24.37 20.28
CA VAL D 155 16.17 -25.72 20.01
C VAL D 155 15.03 -25.64 19.01
N THR D 156 14.82 -26.74 18.27
CA THR D 156 13.73 -26.85 17.33
C THR D 156 12.85 -28.03 17.72
N VAL D 157 11.53 -27.82 17.67
CA VAL D 157 10.56 -28.81 18.10
C VAL D 157 9.55 -29.03 16.98
N SER D 158 9.32 -30.29 16.64
CA SER D 158 8.27 -30.68 15.71
C SER D 158 7.45 -31.80 16.35
N TRP D 159 6.24 -31.99 15.85
CA TRP D 159 5.32 -33.00 16.37
C TRP D 159 5.01 -34.03 15.29
N ASN D 160 5.10 -35.31 15.67
CA ASN D 160 4.95 -36.42 14.73
C ASN D 160 5.88 -36.26 13.54
N SER D 161 7.06 -35.68 13.79
CA SER D 161 8.10 -35.49 12.76
C SER D 161 7.60 -34.64 11.60
N GLY D 162 6.83 -33.60 11.92
CA GLY D 162 6.31 -32.68 10.92
C GLY D 162 4.91 -32.98 10.44
N ALA D 163 4.33 -34.12 10.83
CA ALA D 163 2.99 -34.45 10.37
C ALA D 163 1.94 -33.61 11.09
N LEU D 164 2.08 -33.43 12.40
CA LEU D 164 1.12 -32.68 13.19
C LEU D 164 1.57 -31.23 13.30
N THR D 165 0.87 -30.33 12.63
CA THR D 165 1.14 -28.90 12.69
C THR D 165 -0.04 -28.09 13.19
N SER D 166 -1.27 -28.55 12.99
CA SER D 166 -2.44 -27.80 13.39
C SER D 166 -2.57 -27.78 14.92
N GLY D 167 -2.74 -26.59 15.47
CA GLY D 167 -2.95 -26.44 16.90
C GLY D 167 -1.70 -26.53 17.75
N VAL D 168 -0.52 -26.38 17.16
CA VAL D 168 0.74 -26.51 17.87
C VAL D 168 1.24 -25.11 18.24
N HIS D 169 1.63 -24.93 19.50
CA HIS D 169 2.20 -23.68 19.98
C HIS D 169 3.54 -23.99 20.65
N THR D 170 4.63 -23.60 20.00
CA THR D 170 5.97 -23.70 20.59
C THR D 170 6.37 -22.33 21.10
N PHE D 171 6.47 -22.19 22.41
CA PHE D 171 6.69 -20.89 23.04
C PHE D 171 8.16 -20.50 22.99
N PRO D 172 8.45 -19.20 22.92
CA PRO D 172 9.84 -18.75 23.04
C PRO D 172 10.41 -19.09 24.41
N ALA D 173 11.68 -19.46 24.43
CA ALA D 173 12.29 -19.96 25.66
C ALA D 173 12.57 -18.82 26.64
N VAL D 174 12.58 -19.16 27.93
CA VAL D 174 12.91 -18.23 28.99
C VAL D 174 14.25 -18.63 29.60
N LEU D 175 15.01 -17.63 30.01
CA LEU D 175 16.33 -17.85 30.60
C LEU D 175 16.17 -17.93 32.11
N GLN D 176 16.38 -19.12 32.66
CA GLN D 176 16.24 -19.32 34.10
C GLN D 176 17.41 -18.70 34.85
N SER D 177 17.27 -18.62 36.18
CA SER D 177 18.33 -18.10 37.01
C SER D 177 19.55 -19.01 37.05
N SER D 178 19.39 -20.29 36.69
CA SER D 178 20.52 -21.22 36.62
C SER D 178 21.41 -20.98 35.41
N GLY D 179 21.02 -20.08 34.51
CA GLY D 179 21.76 -19.83 33.29
C GLY D 179 21.33 -20.68 32.11
N LEU D 180 20.47 -21.67 32.33
CA LEU D 180 19.98 -22.53 31.27
C LEU D 180 18.60 -22.06 30.79
N TYR D 181 18.22 -22.52 29.60
CA TYR D 181 16.96 -22.16 28.99
C TYR D 181 15.91 -23.24 29.21
N SER D 182 14.65 -22.82 29.25
CA SER D 182 13.51 -23.72 29.33
C SER D 182 12.49 -23.33 28.27
N LEU D 183 11.96 -24.34 27.57
CA LEU D 183 11.02 -24.12 26.48
C LEU D 183 9.91 -25.14 26.57
N SER D 184 8.69 -24.70 26.25
CA SER D 184 7.53 -25.57 26.25
C SER D 184 6.84 -25.49 24.90
N SER D 185 6.39 -26.65 24.41
CA SER D 185 5.69 -26.75 23.14
C SER D 185 4.46 -27.64 23.34
N VAL D 186 3.28 -27.08 23.09
CA VAL D 186 2.02 -27.77 23.36
C VAL D 186 1.20 -27.87 22.09
N VAL D 187 0.20 -28.76 22.12
CA VAL D 187 -0.70 -28.97 21.00
C VAL D 187 -2.06 -29.37 21.53
N THR D 188 -3.12 -28.84 20.92
CA THR D 188 -4.49 -29.16 21.27
C THR D 188 -5.07 -30.11 20.24
N VAL D 189 -5.61 -31.23 20.70
CA VAL D 189 -6.18 -32.25 19.82
C VAL D 189 -7.53 -32.65 20.37
N PRO D 190 -8.41 -33.21 19.52
CA PRO D 190 -9.70 -33.70 20.02
C PRO D 190 -9.51 -34.79 21.06
N SER D 191 -10.42 -34.82 22.04
CA SER D 191 -10.31 -35.74 23.15
C SER D 191 -10.49 -37.20 22.73
N SER D 192 -11.13 -37.45 21.59
CA SER D 192 -11.37 -38.84 21.17
C SER D 192 -10.10 -39.52 20.70
N SER D 193 -9.16 -38.76 20.13
CA SER D 193 -7.95 -39.31 19.53
C SER D 193 -6.84 -39.61 20.55
N LEU D 194 -7.12 -39.48 21.85
CA LEU D 194 -6.07 -39.65 22.84
C LEU D 194 -5.63 -41.11 22.94
N GLY D 195 -6.56 -42.05 22.80
CA GLY D 195 -6.23 -43.46 22.91
C GLY D 195 -5.87 -44.13 21.62
N THR D 196 -5.96 -43.44 20.49
CA THR D 196 -5.72 -44.04 19.19
C THR D 196 -4.85 -43.16 18.30
N GLN D 197 -3.93 -42.41 18.89
CA GLN D 197 -3.04 -41.54 18.12
C GLN D 197 -1.83 -41.24 19.00
N THR D 198 -0.67 -41.76 18.61
CA THR D 198 0.55 -41.51 19.37
C THR D 198 1.11 -40.13 19.00
N TYR D 199 1.40 -39.33 20.02
CA TYR D 199 1.95 -37.99 19.84
C TYR D 199 3.40 -37.99 20.32
N ILE D 200 4.32 -37.62 19.43
CA ILE D 200 5.75 -37.61 19.71
C ILE D 200 6.29 -36.24 19.32
N CYS D 201 6.92 -35.55 20.28
CA CYS D 201 7.60 -34.29 20.01
C CYS D 201 9.06 -34.55 19.68
N ASN D 202 9.58 -33.85 18.68
CA ASN D 202 10.92 -34.07 18.17
C ASN D 202 11.77 -32.85 18.53
N VAL D 203 12.61 -33.00 19.56
CA VAL D 203 13.46 -31.93 20.05
C VAL D 203 14.88 -32.15 19.53
N ASN D 204 15.41 -31.16 18.81
CA ASN D 204 16.77 -31.20 18.28
C ASN D 204 17.54 -29.99 18.78
N HIS D 205 18.71 -30.23 19.36
CA HIS D 205 19.59 -29.18 19.87
C HIS D 205 20.94 -29.36 19.19
N LYS D 206 21.15 -28.64 18.10
CA LYS D 206 22.38 -28.76 17.33
C LYS D 206 23.64 -28.42 18.13
N PRO D 207 23.69 -27.36 18.96
CA PRO D 207 24.93 -27.09 19.70
C PRO D 207 25.44 -28.26 20.52
N SER D 208 24.53 -29.06 21.08
CA SER D 208 24.91 -30.25 21.82
C SER D 208 24.69 -31.53 21.03
N ASN D 209 24.30 -31.43 19.76
CA ASN D 209 24.04 -32.59 18.91
C ASN D 209 22.97 -33.49 19.51
N THR D 210 21.91 -32.86 20.03
CA THR D 210 20.86 -33.56 20.77
C THR D 210 19.69 -33.87 19.86
N LYS D 211 19.25 -35.13 19.88
CA LYS D 211 18.09 -35.57 19.10
C LYS D 211 17.24 -36.44 20.02
N VAL D 212 16.17 -35.90 20.55
CA VAL D 212 15.30 -36.59 21.50
C VAL D 212 13.90 -36.67 20.91
N ASP D 213 13.38 -37.90 20.80
CA ASP D 213 12.00 -38.15 20.40
C ASP D 213 11.26 -38.68 21.61
N LYS D 214 10.42 -37.84 22.21
CA LYS D 214 9.70 -38.18 23.43
C LYS D 214 8.23 -38.36 23.13
N LYS D 215 7.68 -39.52 23.52
CA LYS D 215 6.27 -39.83 23.32
C LYS D 215 5.47 -39.39 24.52
N VAL D 216 4.39 -38.65 24.27
CA VAL D 216 3.52 -38.15 25.33
C VAL D 216 2.42 -39.17 25.59
N GLU D 217 2.22 -39.53 26.86
CA GLU D 217 1.25 -40.55 27.22
C GLU D 217 0.13 -39.96 28.05
N PRO D 218 -1.13 -40.34 27.78
CA PRO D 218 -2.21 -40.10 28.74
C PRO D 218 -2.12 -41.12 29.87
N LYS D 219 -1.92 -40.63 31.09
CA LYS D 219 -1.71 -41.51 32.25
C LYS D 219 -2.92 -42.40 32.51
N HIS E 14 35.31 24.71 21.78
CA HIS E 14 34.51 24.09 22.84
C HIS E 14 34.58 22.58 22.71
N THR E 15 33.45 21.93 22.45
CA THR E 15 33.44 20.47 22.31
C THR E 15 32.26 20.00 21.48
N ASN E 16 31.19 20.77 21.44
CA ASN E 16 30.00 20.32 20.72
C ASN E 16 30.13 20.65 19.24
N LEU E 17 29.62 19.75 18.41
CA LEU E 17 29.71 19.94 16.97
C LEU E 17 28.55 20.80 16.47
N CYS E 18 28.80 21.55 15.41
CA CYS E 18 27.84 22.53 14.93
C CYS E 18 26.69 21.84 14.20
N PRO E 19 25.44 22.07 14.60
CA PRO E 19 24.31 21.29 14.06
C PRO E 19 24.03 21.55 12.59
N PHE E 20 24.99 21.22 11.72
CA PHE E 20 24.74 21.31 10.29
C PHE E 20 23.76 20.25 9.81
N GLY E 21 23.55 19.20 10.60
CA GLY E 21 22.55 18.20 10.24
C GLY E 21 21.13 18.72 10.36
N GLU E 22 20.93 19.76 11.14
CA GLU E 22 19.63 20.36 11.37
C GLU E 22 19.32 21.50 10.41
N VAL E 23 20.13 21.67 9.36
CA VAL E 23 19.87 22.73 8.39
C VAL E 23 19.92 22.18 6.98
N PHE E 24 20.87 21.28 6.71
CA PHE E 24 20.94 20.65 5.39
C PHE E 24 19.85 19.60 5.23
N ASN E 25 19.61 18.82 6.27
CA ASN E 25 18.65 17.75 6.24
C ASN E 25 17.26 18.19 6.67
N ALA E 26 16.99 19.49 6.65
CA ALA E 26 15.67 19.99 7.02
C ALA E 26 14.61 19.31 6.16
N THR E 27 13.80 18.45 6.78
CA THR E 27 12.66 17.83 6.11
C THR E 27 11.94 18.82 5.22
N ARG E 28 11.73 20.04 5.71
CA ARG E 28 11.08 21.11 4.97
C ARG E 28 11.97 22.33 5.01
N PHE E 29 12.21 22.94 3.86
CA PHE E 29 12.89 24.22 3.78
C PHE E 29 11.86 25.34 3.65
N ALA E 30 12.29 26.55 3.91
CA ALA E 30 11.41 27.70 3.80
C ALA E 30 11.42 28.26 2.38
N SER E 31 10.35 28.96 2.03
CA SER E 31 10.30 29.64 0.75
C SER E 31 11.34 30.76 0.72
N VAL E 32 11.81 31.07 -0.49
CA VAL E 32 12.95 31.99 -0.63
C VAL E 32 12.60 33.38 -0.12
N TYR E 33 11.33 33.81 -0.26
CA TYR E 33 10.95 35.12 0.25
C TYR E 33 10.98 35.16 1.76
N ALA E 34 10.73 34.03 2.41
CA ALA E 34 10.82 33.93 3.87
C ALA E 34 11.97 33.01 4.26
N TRP E 35 13.17 33.33 3.78
CA TRP E 35 14.31 32.45 3.98
C TRP E 35 14.66 32.31 5.45
N ASN E 36 14.91 31.08 5.88
CA ASN E 36 15.23 30.80 7.27
C ASN E 36 16.72 31.03 7.52
N ARG E 37 17.03 31.70 8.62
CA ARG E 37 18.41 31.95 9.04
C ARG E 37 18.67 31.23 10.36
N LYS E 38 19.77 30.50 10.43
CA LYS E 38 20.18 29.78 11.62
C LYS E 38 21.51 30.33 12.10
N ARG E 39 21.60 30.60 13.41
CA ARG E 39 22.81 31.15 14.01
C ARG E 39 23.63 30.02 14.61
N ILE E 40 24.90 29.96 14.23
CA ILE E 40 25.82 28.91 14.66
C ILE E 40 26.86 29.54 15.55
N SER E 41 26.98 29.05 16.77
CA SER E 41 27.90 29.65 17.74
C SER E 41 28.30 28.61 18.78
N ASN E 42 29.54 28.76 19.26
CA ASN E 42 30.09 27.96 20.36
C ASN E 42 30.07 26.47 20.02
N CYS E 43 30.80 26.12 18.97
CA CYS E 43 30.86 24.75 18.50
C CYS E 43 32.06 24.57 17.58
N VAL E 44 32.53 23.33 17.50
CA VAL E 44 33.61 22.99 16.57
C VAL E 44 32.97 22.67 15.23
N ALA E 45 33.22 23.52 14.24
CA ALA E 45 32.65 23.31 12.91
C ALA E 45 33.65 22.53 12.07
N ASP E 46 33.35 21.26 11.83
CA ASP E 46 34.13 20.59 10.81
C ASP E 46 33.92 21.30 9.47
N TYR E 47 34.72 20.90 8.48
CA TYR E 47 34.45 21.33 7.11
C TYR E 47 34.91 20.28 6.10
N SER E 48 35.23 19.08 6.54
CA SER E 48 35.68 18.04 5.63
C SER E 48 34.51 17.48 4.80
N VAL E 49 33.43 17.11 5.47
CA VAL E 49 32.36 16.35 4.80
C VAL E 49 31.50 17.24 3.89
N LEU E 50 31.46 18.56 4.10
CA LEU E 50 30.75 19.42 3.16
C LEU E 50 31.38 19.30 1.78
N TYR E 51 32.63 19.75 1.67
CA TYR E 51 33.35 19.70 0.42
C TYR E 51 33.66 18.27 -0.02
N ASN E 52 33.52 17.28 0.87
CA ASN E 52 33.73 15.89 0.48
C ASN E 52 32.46 15.19 0.03
N SER E 53 31.30 15.63 0.50
CA SER E 53 30.04 15.05 0.01
C SER E 53 29.80 15.49 -1.42
N ALA E 54 29.36 14.54 -2.24
CA ALA E 54 29.15 14.77 -3.66
C ALA E 54 27.68 14.99 -4.01
N SER E 55 26.82 15.16 -3.00
CA SER E 55 25.40 15.38 -3.28
C SER E 55 25.13 16.74 -3.89
N PHE E 56 26.04 17.70 -3.72
CA PHE E 56 25.76 19.08 -4.06
C PHE E 56 26.01 19.35 -5.53
N SER E 57 25.03 19.99 -6.18
CA SER E 57 25.19 20.40 -7.58
C SER E 57 25.97 21.70 -7.70
N THR E 58 25.83 22.60 -6.73
CA THR E 58 26.49 23.88 -6.73
C THR E 58 27.25 24.06 -5.43
N PHE E 59 28.53 24.44 -5.53
CA PHE E 59 29.37 24.70 -4.36
C PHE E 59 30.41 25.75 -4.77
N LYS E 60 30.07 27.02 -4.52
CA LYS E 60 30.96 28.12 -4.84
C LYS E 60 31.18 28.97 -3.59
N CYS E 61 32.44 29.24 -3.27
CA CYS E 61 32.81 30.02 -2.10
C CYS E 61 33.36 31.37 -2.53
N TYR E 62 33.00 32.41 -1.79
CA TYR E 62 33.42 33.77 -2.07
C TYR E 62 34.10 34.36 -0.84
N GLY E 63 35.22 35.04 -1.05
CA GLY E 63 35.95 35.68 0.03
C GLY E 63 36.85 34.77 0.83
N VAL E 64 36.73 33.46 0.69
CA VAL E 64 37.56 32.51 1.42
C VAL E 64 37.54 31.19 0.67
N SER E 65 38.55 30.36 0.91
CA SER E 65 38.69 29.06 0.27
C SER E 65 38.16 27.95 1.17
N PRO E 66 37.49 26.94 0.60
CA PRO E 66 37.00 25.84 1.43
C PRO E 66 38.11 25.00 2.06
N THR E 67 39.23 24.83 1.37
CA THR E 67 40.33 24.07 1.95
C THR E 67 40.95 24.79 3.14
N LYS E 68 41.11 26.11 3.04
CA LYS E 68 41.63 26.93 4.12
C LYS E 68 40.57 27.32 5.15
N LEU E 69 39.43 26.63 5.16
CA LEU E 69 38.34 26.96 6.06
C LEU E 69 38.34 26.12 7.34
N ASN E 70 38.86 24.90 7.26
CA ASN E 70 38.94 24.05 8.46
C ASN E 70 39.85 24.65 9.52
N ASP E 71 40.89 25.37 9.11
CA ASP E 71 41.84 25.93 10.06
C ASP E 71 41.68 27.44 10.16
N LEU E 72 40.46 27.90 10.46
CA LEU E 72 40.18 29.32 10.56
C LEU E 72 39.03 29.57 11.52
N CYS E 73 39.16 30.63 12.31
CA CYS E 73 38.21 30.96 13.37
C CYS E 73 37.25 32.06 12.94
N PHE E 74 36.03 32.02 13.50
CA PHE E 74 35.02 33.03 13.24
C PHE E 74 34.17 33.23 14.48
N THR E 75 33.70 34.48 14.66
CA THR E 75 32.87 34.80 15.81
C THR E 75 31.50 34.15 15.69
N ASN E 76 30.87 34.26 14.51
CA ASN E 76 29.58 33.66 14.27
C ASN E 76 29.52 33.16 12.83
N VAL E 77 28.71 32.14 12.61
CA VAL E 77 28.43 31.61 11.27
C VAL E 77 26.92 31.52 11.11
N TYR E 78 26.42 32.04 10.00
CA TYR E 78 24.99 32.09 9.72
C TYR E 78 24.67 31.14 8.57
N ALA E 79 23.66 30.31 8.77
CA ALA E 79 23.22 29.33 7.78
C ALA E 79 21.84 29.72 7.29
N ASP E 80 21.77 30.31 6.11
CA ASP E 80 20.51 30.70 5.48
C ASP E 80 20.10 29.64 4.47
N SER E 81 18.84 29.21 4.54
CA SER E 81 18.35 28.10 3.73
C SER E 81 16.99 28.44 3.13
N PHE E 82 16.79 28.07 1.87
CA PHE E 82 15.54 28.33 1.17
C PHE E 82 15.48 27.41 -0.05
N VAL E 83 14.47 27.63 -0.90
CA VAL E 83 14.25 26.80 -2.08
C VAL E 83 13.90 27.70 -3.26
N ILE E 84 14.58 27.50 -4.38
CA ILE E 84 14.27 28.17 -5.64
C ILE E 84 14.32 27.15 -6.76
N ARG E 85 14.30 27.61 -8.01
CA ARG E 85 14.42 26.71 -9.15
C ARG E 85 15.82 26.83 -9.76
N GLY E 86 16.07 25.95 -10.74
CA GLY E 86 17.43 25.74 -11.20
C GLY E 86 18.06 26.98 -11.79
N ASP E 87 17.40 27.60 -12.76
CA ASP E 87 17.98 28.76 -13.43
C ASP E 87 18.09 29.98 -12.52
N GLU E 88 17.52 29.93 -11.32
CA GLU E 88 17.66 31.00 -10.34
C GLU E 88 18.80 30.77 -9.36
N VAL E 89 19.47 29.63 -9.42
CA VAL E 89 20.60 29.37 -8.54
C VAL E 89 21.75 30.32 -8.84
N ARG E 90 21.91 30.69 -10.11
CA ARG E 90 22.95 31.65 -10.51
C ARG E 90 22.85 32.94 -9.73
N GLN E 91 21.64 33.31 -9.29
CA GLN E 91 21.41 34.60 -8.64
C GLN E 91 21.81 34.60 -7.17
N ILE E 92 22.10 33.44 -6.59
CA ILE E 92 22.61 33.38 -5.22
C ILE E 92 24.12 33.58 -5.25
N ALA E 93 24.53 34.81 -5.57
CA ALA E 93 25.94 35.18 -5.68
C ALA E 93 26.02 36.69 -5.63
N PRO E 94 27.13 37.26 -5.16
CA PRO E 94 27.23 38.72 -5.08
C PRO E 94 27.10 39.38 -6.45
N GLY E 95 26.45 40.54 -6.47
CA GLY E 95 26.33 41.31 -7.70
C GLY E 95 25.48 40.67 -8.78
N GLN E 96 24.42 39.97 -8.40
CA GLN E 96 23.51 39.37 -9.37
C GLN E 96 22.20 40.16 -9.39
N THR E 97 21.47 39.99 -10.49
CA THR E 97 20.16 40.62 -10.65
C THR E 97 19.15 39.59 -11.10
N GLY E 98 17.89 39.89 -10.83
CA GLY E 98 16.80 38.98 -11.11
C GLY E 98 15.73 39.09 -10.04
N ASN E 99 14.69 38.27 -10.20
CA ASN E 99 13.59 38.31 -9.24
C ASN E 99 14.04 37.86 -7.86
N ILE E 100 14.91 36.86 -7.79
CA ILE E 100 15.37 36.35 -6.50
C ILE E 100 16.36 37.32 -5.87
N ALA E 101 17.32 37.80 -6.66
CA ALA E 101 18.36 38.67 -6.10
C ALA E 101 17.79 40.01 -5.66
N ASP E 102 16.83 40.54 -6.41
CA ASP E 102 16.31 41.87 -6.13
C ASP E 102 15.18 41.86 -5.10
N TYR E 103 14.32 40.85 -5.11
CA TYR E 103 13.09 40.86 -4.33
C TYR E 103 13.03 39.81 -3.24
N ASN E 104 14.01 38.90 -3.15
CA ASN E 104 13.87 37.78 -2.24
C ASN E 104 15.08 37.59 -1.34
N TYR E 105 16.27 37.46 -1.91
CA TYR E 105 17.47 37.19 -1.13
C TYR E 105 18.66 37.78 -1.86
N LYS E 106 19.27 38.81 -1.27
CA LYS E 106 20.38 39.52 -1.88
C LYS E 106 21.63 39.34 -1.03
N LEU E 107 22.72 38.95 -1.69
CA LEU E 107 24.04 38.88 -1.06
C LEU E 107 24.82 40.16 -1.33
N PRO E 108 25.59 40.65 -0.36
CA PRO E 108 26.33 41.89 -0.57
C PRO E 108 27.47 41.70 -1.56
N ASP E 109 27.91 42.82 -2.14
CA ASP E 109 29.01 42.77 -3.10
C ASP E 109 30.31 42.27 -2.45
N ASP E 110 30.48 42.50 -1.15
CA ASP E 110 31.64 42.04 -0.41
C ASP E 110 31.34 40.77 0.38
N PHE E 111 30.48 39.90 -0.14
CA PHE E 111 30.10 38.70 0.56
C PHE E 111 31.30 37.79 0.77
N THR E 112 31.42 37.25 1.99
CA THR E 112 32.50 36.34 2.37
C THR E 112 31.85 35.06 2.91
N GLY E 113 31.63 34.10 2.03
CA GLY E 113 31.02 32.85 2.45
C GLY E 113 30.93 31.88 1.29
N CYS E 114 30.06 30.88 1.44
CA CYS E 114 29.87 29.84 0.43
C CYS E 114 28.39 29.62 0.16
N VAL E 115 28.09 29.24 -1.08
CA VAL E 115 26.74 28.94 -1.52
C VAL E 115 26.70 27.47 -1.93
N ILE E 116 25.75 26.72 -1.37
CA ILE E 116 25.65 25.29 -1.60
C ILE E 116 24.22 24.97 -2.01
N ALA E 117 24.06 24.28 -3.14
CA ALA E 117 22.75 23.96 -3.67
C ALA E 117 22.75 22.57 -4.27
N TRP E 118 21.60 21.90 -4.19
CA TRP E 118 21.43 20.58 -4.78
C TRP E 118 19.99 20.42 -5.23
N ASN E 119 19.78 19.58 -6.23
CA ASN E 119 18.45 19.35 -6.76
C ASN E 119 17.62 18.51 -5.80
N SER E 120 16.44 19.03 -5.44
CA SER E 120 15.51 18.36 -4.53
C SER E 120 14.18 18.08 -5.21
N ASN E 121 14.24 17.69 -6.49
CA ASN E 121 13.01 17.41 -7.22
C ASN E 121 12.29 16.20 -6.66
N ASN E 122 13.04 15.22 -6.13
CA ASN E 122 12.42 14.03 -5.56
C ASN E 122 11.73 14.31 -4.23
N LEU E 123 11.92 15.49 -3.66
CA LEU E 123 11.36 15.81 -2.35
C LEU E 123 10.40 16.98 -2.37
N ASP E 124 10.65 17.99 -3.20
CA ASP E 124 9.84 19.21 -3.22
C ASP E 124 8.96 19.29 -4.46
N SER E 125 8.56 18.15 -5.01
CA SER E 125 7.67 18.11 -6.15
C SER E 125 6.47 17.23 -5.84
N LYS E 126 5.29 17.69 -6.23
CA LYS E 126 4.07 16.90 -6.15
C LYS E 126 3.51 16.70 -7.55
N VAL E 127 2.88 15.55 -7.76
CA VAL E 127 2.39 15.22 -9.10
C VAL E 127 1.25 16.16 -9.50
N GLY E 128 0.55 16.72 -8.52
CA GLY E 128 -0.36 17.81 -8.79
C GLY E 128 0.30 19.17 -8.78
N GLY E 129 1.61 19.22 -8.62
CA GLY E 129 2.32 20.48 -8.49
C GLY E 129 2.47 20.90 -7.05
N ASN E 130 3.71 21.06 -6.58
CA ASN E 130 3.94 21.52 -5.21
C ASN E 130 3.80 23.03 -5.20
N TYR E 131 2.73 23.52 -4.58
CA TYR E 131 2.42 24.95 -4.52
C TYR E 131 2.63 25.53 -3.13
N ASN E 132 3.58 24.97 -2.37
CA ASN E 132 3.90 25.49 -1.04
C ASN E 132 5.10 26.43 -1.04
N TYR E 133 6.00 26.32 -2.01
CA TYR E 133 7.15 27.20 -2.11
C TYR E 133 6.78 28.43 -2.93
N LEU E 134 7.00 29.61 -2.35
CA LEU E 134 6.62 30.87 -2.97
C LEU E 134 7.85 31.75 -3.15
N TYR E 135 7.69 32.78 -3.97
CA TYR E 135 8.71 33.79 -4.18
C TYR E 135 8.04 35.13 -4.43
N ARG E 136 8.69 36.20 -4.01
CA ARG E 136 8.16 37.55 -4.16
C ARG E 136 8.34 38.01 -5.60
N LEU E 137 7.23 38.36 -6.25
CA LEU E 137 7.26 38.78 -7.65
C LEU E 137 7.30 40.28 -7.83
N PHE E 138 6.69 41.05 -6.93
CA PHE E 138 6.62 42.49 -7.04
C PHE E 138 7.10 43.15 -5.76
N ARG E 139 7.84 44.26 -5.90
CA ARG E 139 8.29 45.04 -4.76
C ARG E 139 8.70 46.42 -5.25
N LYS E 140 8.37 47.44 -4.46
CA LYS E 140 8.60 48.82 -4.90
C LYS E 140 10.08 49.13 -5.05
N SER E 141 10.94 48.46 -4.30
CA SER E 141 12.37 48.69 -4.36
C SER E 141 13.11 47.37 -4.18
N ASN E 142 14.37 47.36 -4.60
CA ASN E 142 15.19 46.16 -4.49
C ASN E 142 15.58 45.91 -3.04
N LEU E 143 15.60 44.64 -2.64
CA LEU E 143 16.11 44.27 -1.33
C LEU E 143 17.59 44.62 -1.23
N LYS E 144 17.95 45.23 -0.12
CA LYS E 144 19.34 45.48 0.17
C LYS E 144 19.91 44.31 0.98
N PRO E 145 21.24 44.14 1.01
CA PRO E 145 21.80 42.83 1.38
C PRO E 145 21.27 42.27 2.70
N PHE E 146 20.99 40.95 2.67
CA PHE E 146 20.54 40.19 3.84
C PHE E 146 19.25 40.74 4.43
N GLU E 147 18.36 41.25 3.59
CA GLU E 147 17.06 41.73 4.03
C GLU E 147 16.00 40.67 3.73
N ARG E 148 15.04 40.54 4.62
CA ARG E 148 13.98 39.54 4.50
C ARG E 148 12.64 40.26 4.54
N ASP E 149 11.87 40.11 3.46
CA ASP E 149 10.56 40.76 3.32
C ASP E 149 9.50 39.68 3.22
N ILE E 150 8.63 39.60 4.23
CA ILE E 150 7.56 38.61 4.28
C ILE E 150 6.18 39.26 4.26
N SER E 151 6.11 40.57 3.99
CA SER E 151 4.83 41.24 3.91
C SER E 151 4.03 40.73 2.72
N THR E 152 2.71 40.68 2.89
CA THR E 152 1.80 40.31 1.82
C THR E 152 0.87 41.47 1.46
N GLU E 153 1.35 42.70 1.62
CA GLU E 153 0.55 43.86 1.27
C GLU E 153 0.15 43.80 -0.20
N ILE E 154 -1.12 44.10 -0.48
CA ILE E 154 -1.58 44.14 -1.87
C ILE E 154 -0.78 45.18 -2.63
N TYR E 155 -0.10 44.72 -3.68
CA TYR E 155 0.72 45.60 -4.50
C TYR E 155 -0.17 46.49 -5.36
N GLN E 156 -0.13 47.80 -5.10
CA GLN E 156 -0.85 48.78 -5.89
C GLN E 156 0.02 49.16 -7.07
N ALA E 157 -0.32 48.66 -8.25
CA ALA E 157 0.46 48.91 -9.46
C ALA E 157 -0.10 50.04 -10.29
N GLY E 158 -1.28 50.55 -9.97
CA GLY E 158 -1.83 51.71 -10.63
C GLY E 158 -2.09 52.84 -9.66
N SER E 159 -2.77 53.89 -10.11
CA SER E 159 -3.11 54.96 -9.19
C SER E 159 -4.12 54.49 -8.16
N THR E 160 -5.05 53.63 -8.56
CA THR E 160 -6.22 53.31 -7.75
C THR E 160 -5.77 52.64 -6.45
N PRO E 161 -6.14 53.19 -5.29
CA PRO E 161 -5.78 52.55 -4.02
C PRO E 161 -6.46 51.20 -3.88
N CYS E 162 -5.67 50.13 -3.86
CA CYS E 162 -6.22 48.82 -3.55
C CYS E 162 -6.63 48.80 -2.09
N ASN E 163 -7.92 48.63 -1.84
CA ASN E 163 -8.42 48.66 -0.47
C ASN E 163 -8.20 47.29 0.16
N GLY E 164 -6.99 46.75 0.01
CA GLY E 164 -6.70 45.42 0.51
C GLY E 164 -7.34 44.29 -0.26
N VAL E 165 -7.96 44.58 -1.39
CA VAL E 165 -8.67 43.57 -2.19
C VAL E 165 -7.93 43.40 -3.52
N LYS E 166 -7.73 42.15 -3.91
CA LYS E 166 -7.03 41.83 -5.12
C LYS E 166 -7.88 42.18 -6.34
N GLY E 167 -7.22 42.50 -7.45
CA GLY E 167 -7.95 42.76 -8.67
C GLY E 167 -7.06 43.35 -9.74
N PHE E 168 -7.66 44.23 -10.53
CA PHE E 168 -6.95 44.89 -11.63
C PHE E 168 -5.96 45.90 -11.09
N ASN E 169 -4.70 45.78 -11.51
CA ASN E 169 -3.59 46.56 -11.00
C ASN E 169 -3.43 46.43 -9.50
N CYS E 170 -3.98 45.35 -8.92
CA CYS E 170 -3.89 45.06 -7.49
C CYS E 170 -3.51 43.59 -7.35
N TYR E 171 -2.25 43.35 -7.05
CA TYR E 171 -1.72 41.99 -7.01
C TYR E 171 -1.63 41.44 -5.60
N PHE E 172 -1.49 40.14 -5.55
CA PHE E 172 -0.78 39.48 -4.49
C PHE E 172 0.71 39.48 -4.84
N PRO E 173 1.59 40.01 -3.96
CA PRO E 173 3.00 40.16 -4.33
C PRO E 173 3.76 38.84 -4.45
N LEU E 174 3.22 37.74 -3.94
CA LEU E 174 3.92 36.46 -3.95
C LEU E 174 3.35 35.55 -5.04
N GLN E 175 4.24 34.84 -5.72
CA GLN E 175 3.87 33.87 -6.73
C GLN E 175 4.35 32.48 -6.31
N SER E 176 3.62 31.46 -6.75
CA SER E 176 3.90 30.08 -6.37
C SER E 176 4.70 29.38 -7.46
N TYR E 177 5.72 28.64 -7.04
CA TYR E 177 6.43 27.78 -7.97
C TYR E 177 5.53 26.63 -8.40
N GLY E 178 5.71 26.20 -9.65
CA GLY E 178 5.00 25.03 -10.14
C GLY E 178 5.44 23.76 -9.45
N PHE E 179 6.70 23.38 -9.66
CA PHE E 179 7.34 22.24 -9.01
C PHE E 179 6.54 20.95 -9.22
N GLN E 180 6.65 20.47 -10.45
CA GLN E 180 6.14 19.17 -10.78
C GLN E 180 7.30 18.29 -11.21
N PRO E 181 7.31 17.02 -10.82
CA PRO E 181 8.46 16.16 -11.10
C PRO E 181 8.80 16.06 -12.58
N THR E 182 7.83 16.32 -13.46
CA THR E 182 8.06 16.30 -14.90
C THR E 182 8.67 17.59 -15.42
N TYR E 183 8.89 18.58 -14.56
CA TYR E 183 9.42 19.86 -15.02
C TYR E 183 10.84 19.72 -15.53
N GLY E 184 11.21 20.62 -16.43
CA GLY E 184 12.60 20.72 -16.86
C GLY E 184 13.51 21.08 -15.71
N VAL E 185 14.80 20.78 -15.90
CA VAL E 185 15.78 20.95 -14.83
C VAL E 185 15.84 22.39 -14.36
N GLY E 186 15.64 23.36 -15.26
CA GLY E 186 15.66 24.75 -14.86
C GLY E 186 14.48 25.18 -14.01
N TYR E 187 13.42 24.36 -13.98
CA TYR E 187 12.24 24.66 -13.18
C TYR E 187 12.02 23.68 -12.03
N GLN E 188 12.87 22.67 -11.89
CA GLN E 188 12.77 21.77 -10.76
C GLN E 188 13.28 22.47 -9.49
N PRO E 189 12.81 22.04 -8.32
CA PRO E 189 13.22 22.73 -7.08
C PRO E 189 14.66 22.42 -6.71
N TYR E 190 15.30 23.42 -6.11
CA TYR E 190 16.67 23.31 -5.63
C TYR E 190 16.73 23.88 -4.21
N ARG E 191 17.30 23.10 -3.29
CA ARG E 191 17.49 23.56 -1.92
C ARG E 191 18.86 24.21 -1.79
N VAL E 192 18.90 25.39 -1.17
CA VAL E 192 20.10 26.23 -1.11
C VAL E 192 20.46 26.46 0.35
N VAL E 193 21.76 26.40 0.65
CA VAL E 193 22.29 26.77 1.96
C VAL E 193 23.39 27.80 1.73
N VAL E 194 23.24 28.96 2.36
CA VAL E 194 24.18 30.07 2.23
C VAL E 194 24.88 30.24 3.57
N LEU E 195 26.15 29.84 3.63
CA LEU E 195 26.94 29.97 4.85
C LEU E 195 27.74 31.26 4.77
N SER E 196 27.44 32.20 5.65
CA SER E 196 28.17 33.46 5.74
C SER E 196 28.98 33.50 7.03
N PHE E 197 30.23 33.94 6.92
CA PHE E 197 31.15 33.96 8.05
C PHE E 197 31.48 35.41 8.39
N GLU E 198 31.25 35.80 9.64
CA GLU E 198 31.59 37.12 10.11
C GLU E 198 32.71 37.01 11.15
N LEU E 199 33.54 38.06 11.21
CA LEU E 199 34.67 38.11 12.14
C LEU E 199 34.59 39.43 12.90
N LEU E 200 33.61 39.52 13.81
CA LEU E 200 33.44 40.72 14.61
C LEU E 200 34.55 40.83 15.65
N HIS E 201 34.67 42.03 16.24
CA HIS E 201 35.68 42.29 17.26
C HIS E 201 35.22 41.68 18.60
N ALA E 202 35.37 40.36 18.67
CA ALA E 202 34.97 39.52 19.79
C ALA E 202 35.65 38.18 19.60
N PRO E 203 36.17 37.55 20.66
CA PRO E 203 36.48 36.12 20.59
C PRO E 203 35.50 35.28 19.77
N ALA E 204 36.07 34.28 19.09
CA ALA E 204 35.41 33.52 18.05
C ALA E 204 34.82 32.24 18.60
N THR E 205 33.74 31.80 17.97
CA THR E 205 33.02 30.63 18.48
C THR E 205 32.87 29.50 17.47
N VAL E 206 32.95 29.77 16.16
CA VAL E 206 32.82 28.73 15.14
C VAL E 206 34.09 28.73 14.30
N CYS E 207 35.01 27.81 14.62
CA CYS E 207 36.24 27.60 13.86
C CYS E 207 36.19 26.23 13.21
N GLY E 208 37.17 25.37 13.47
CA GLY E 208 36.92 23.98 13.15
C GLY E 208 38.17 23.13 12.97
N LYS E 209 37.91 21.95 12.39
CA LYS E 209 38.83 20.81 12.26
C LYS E 209 39.85 20.66 13.38
C1 NAG F . 19.03 14.03 4.38
C2 NAG F . 18.65 14.18 2.92
C3 NAG F . 18.33 12.80 2.34
C4 NAG F . 19.48 11.83 2.61
C5 NAG F . 19.97 11.89 4.05
C6 NAG F . 21.29 11.20 4.24
C7 NAG F . 17.68 16.32 2.26
C8 NAG F . 16.44 17.14 2.17
N2 NAG F . 17.53 15.08 2.75
O3 NAG F . 18.13 12.93 0.94
O4 NAG F . 19.02 10.49 2.40
O5 NAG F . 20.17 13.24 4.49
O6 NAG F . 22.29 11.85 3.47
O7 NAG F . 18.78 16.75 1.91
C1 NAG F . 19.67 9.86 1.30
C2 NAG F . 19.94 8.38 1.62
C3 NAG F . 20.39 7.62 0.37
C4 NAG F . 19.48 7.88 -0.81
C5 NAG F . 19.36 9.38 -1.02
C6 NAG F . 18.44 9.76 -2.16
C7 NAG F . 21.13 7.06 3.29
C8 NAG F . 22.23 7.03 4.30
N2 NAG F . 20.93 8.22 2.67
O3 NAG F . 20.41 6.23 0.71
O4 NAG F . 20.05 7.29 -1.99
O5 NAG F . 18.83 9.97 0.17
O6 NAG F . 18.58 11.14 -2.48
O7 NAG F . 20.44 6.07 3.05
C1 BMA F . 19.75 5.87 -2.03
C2 BMA F . 19.16 5.50 -3.40
C3 BMA F . 18.87 4.00 -3.40
C4 BMA F . 20.11 3.18 -3.02
C5 BMA F . 20.70 3.67 -1.68
C6 BMA F . 21.99 2.92 -1.32
O2 BMA F . 20.12 5.74 -4.42
O3 BMA F . 18.36 3.56 -4.67
O4 BMA F . 19.79 1.80 -2.93
O5 BMA F . 20.95 5.08 -1.76
O6 BMA F . 22.87 3.76 -0.59
C1 MAN F . 24.13 3.07 -0.41
C2 MAN F . 23.95 1.93 0.63
C3 MAN F . 23.69 2.52 2.03
C4 MAN F . 24.69 3.65 2.37
C5 MAN F . 24.75 4.67 1.23
C6 MAN F . 25.77 5.77 1.45
O2 MAN F . 25.13 1.12 0.76
O3 MAN F . 23.73 1.51 3.03
O4 MAN F . 24.28 4.32 3.56
O5 MAN F . 25.11 3.99 0.01
O6 MAN F . 25.05 6.98 1.71
C1 FUC F . 23.43 10.98 3.29
C2 FUC F . 23.78 10.96 1.80
C3 FUC F . 24.18 12.35 1.34
C4 FUC F . 25.34 12.86 2.19
C5 FUC F . 24.98 12.77 3.68
C6 FUC F . 26.15 13.10 4.60
O2 FUC F . 22.73 10.44 1.00
O3 FUC F . 24.62 12.30 -0.02
O4 FUC F . 26.49 12.07 1.94
O5 FUC F . 24.51 11.45 4.03
#